data_6ZIK
#
_entry.id   6ZIK
#
_cell.length_a   1.00
_cell.length_b   1.00
_cell.length_c   1.00
_cell.angle_alpha   90.00
_cell.angle_beta   90.00
_cell.angle_gamma   90.00
#
_symmetry.space_group_name_H-M   'P 1'
#
loop_
_entity.id
_entity.type
_entity.pdbx_description
1 polymer 'ATP synthase subunit gamma, mitochondrial'
2 polymer 'ATP synthase subunit delta, mitochondrial'
3 polymer 'ATP synthase subunit epsilon, mitochondrial'
4 polymer 'ATP synthase F(0) complex subunit C2, mitochondrial'
#
loop_
_entity_poly.entity_id
_entity_poly.type
_entity_poly.pdbx_seq_one_letter_code
_entity_poly.pdbx_strand_id
1 'polypeptide(L)'
;ATLKDITRRLKSIKNIQKITKSMKMVAAAKYARAERELKPARVYGVGSLALYEKADIKTPEDKKKHLIIGVSSDRGLCGA
IHSSVAKQMKSEAANLAAAGKEVKIIGVGDKIRSILHRTHSDQFLVTFKEVGRRPPTFGDASVIALELLNSGYEFDEGSI
IFNRFRSVISYKTEEKPIFSLDTISSAESMSIYDDIDADVLRNYQEYSLANIIYYSLKESTTSEQSARMTAMDNASKNAS
EMIDKLTLTFNRTRQAVITKELIEIISGAAALD
;
G
2 'polypeptide(L)'
;AEAAAAQAPAAGPGQMSFTFASPTQVFFNSANVRQVDVPTQTGAFGILAAHVPTLQVLRPGLVVVHAEDGTTSKYFVSSG
SVTVNADSSVQLLAEEAVTLDMLDLGAAKANLEKAQSELLGAADEATRAEIQIRIEANEALVKALE
;
H
3 'polypeptide(L)' VAYWRQAGLSYIRYSQICAKAVRDALKTEFKANAMKTSGSTIKIVKVKKE I
4 'polypeptide(L)' DIDTAAKFIGAGAATVGVAGSGAGIGTVFGSLIIGYARNPSL(M3L)QQLFSYAILGFALSEAMGLFCLMVAFLILFAM K,L,M,N,P,Q,R,O
#
# COMPACT_ATOMS: atom_id res chain seq x y z
N ALA A 1 35.70 27.80 -72.63
CA ALA A 1 35.15 29.07 -73.06
C ALA A 1 36.06 30.23 -72.65
N THR A 2 35.46 31.30 -72.14
CA THR A 2 36.22 32.47 -71.73
C THR A 2 37.20 32.10 -70.63
N LEU A 3 38.47 32.49 -70.80
CA LEU A 3 39.51 32.02 -69.91
C LEU A 3 39.28 32.46 -68.48
N LYS A 4 38.92 33.72 -68.26
CA LYS A 4 38.74 34.22 -66.90
C LYS A 4 37.49 33.63 -66.26
N ASP A 5 36.41 33.47 -67.03
CA ASP A 5 35.20 32.86 -66.48
C ASP A 5 35.45 31.41 -66.09
N ILE A 6 36.15 30.66 -66.95
CA ILE A 6 36.47 29.27 -66.62
C ILE A 6 37.42 29.22 -65.43
N THR A 7 38.34 30.17 -65.31
CA THR A 7 39.24 30.19 -64.17
C THR A 7 38.47 30.42 -62.88
N ARG A 8 37.54 31.39 -62.88
CA ARG A 8 36.73 31.64 -61.70
C ARG A 8 35.87 30.43 -61.36
N ARG A 9 35.30 29.78 -62.37
CA ARG A 9 34.49 28.59 -62.14
C ARG A 9 35.33 27.49 -61.50
N LEU A 10 36.53 27.25 -62.03
CA LEU A 10 37.38 26.20 -61.49
C LEU A 10 37.77 26.50 -60.05
N LYS A 11 38.12 27.76 -59.77
CA LYS A 11 38.47 28.14 -58.40
C LYS A 11 37.29 27.93 -57.46
N SER A 12 36.09 28.35 -57.87
CA SER A 12 34.93 28.22 -57.01
C SER A 12 34.58 26.76 -56.74
N ILE A 13 34.68 25.91 -57.76
CA ILE A 13 34.35 24.50 -57.55
C ILE A 13 35.42 23.82 -56.71
N LYS A 14 36.67 24.26 -56.82
CA LYS A 14 37.70 23.76 -55.90
C LYS A 14 37.37 24.15 -54.46
N ASN A 15 36.94 25.39 -54.25
CA ASN A 15 36.50 25.81 -52.93
C ASN A 15 35.36 24.93 -52.43
N ILE A 16 34.39 24.66 -53.30
CA ILE A 16 33.24 23.84 -52.91
C ILE A 16 33.70 22.45 -52.50
N GLN A 17 34.59 21.85 -53.29
CA GLN A 17 35.08 20.51 -52.96
C GLN A 17 35.76 20.50 -51.59
N LYS A 18 36.65 21.45 -51.33
CA LYS A 18 37.38 21.37 -50.07
C LYS A 18 36.51 21.76 -48.87
N ILE A 19 35.58 22.69 -49.05
CA ILE A 19 34.70 23.03 -47.93
C ILE A 19 33.75 21.87 -47.62
N THR A 20 33.25 21.16 -48.65
CA THR A 20 32.40 20.02 -48.35
C THR A 20 33.22 18.86 -47.79
N LYS A 21 34.50 18.75 -48.15
CA LYS A 21 35.36 17.75 -47.50
C LYS A 21 35.53 18.06 -46.02
N SER A 22 35.73 19.33 -45.68
CA SER A 22 35.82 19.73 -44.27
C SER A 22 34.53 19.41 -43.53
N MET A 23 33.39 19.71 -44.15
CA MET A 23 32.11 19.41 -43.53
C MET A 23 31.93 17.90 -43.34
N LYS A 24 32.36 17.11 -44.32
CA LYS A 24 32.29 15.66 -44.16
C LYS A 24 33.14 15.19 -42.99
N MET A 25 34.33 15.77 -42.84
CA MET A 25 35.20 15.37 -41.72
C MET A 25 34.54 15.67 -40.38
N VAL A 26 34.03 16.89 -40.22
CA VAL A 26 33.44 17.26 -38.94
C VAL A 26 32.19 16.42 -38.67
N ALA A 27 31.42 16.12 -39.72
CA ALA A 27 30.23 15.30 -39.54
C ALA A 27 30.60 13.87 -39.17
N ALA A 28 31.71 13.35 -39.72
CA ALA A 28 32.14 12.01 -39.34
C ALA A 28 32.51 11.96 -37.88
N ALA A 29 33.23 12.97 -37.39
CA ALA A 29 33.56 13.01 -35.97
C ALA A 29 32.29 13.09 -35.12
N LYS A 30 31.36 13.96 -35.52
CA LYS A 30 30.14 14.13 -34.75
C LYS A 30 29.31 12.85 -34.71
N TYR A 31 29.22 12.14 -35.85
CA TYR A 31 28.48 10.89 -35.88
C TYR A 31 29.18 9.82 -35.05
N ALA A 32 30.51 9.81 -35.06
CA ALA A 32 31.23 8.84 -34.23
C ALA A 32 30.90 9.06 -32.76
N ARG A 33 30.82 10.32 -32.34
CA ARG A 33 30.37 10.60 -30.98
C ARG A 33 28.93 10.15 -30.77
N ALA A 34 28.06 10.44 -31.74
CA ALA A 34 26.63 10.25 -31.56
C ALA A 34 26.25 8.78 -31.48
N GLU A 35 26.93 7.93 -32.23
CA GLU A 35 26.62 6.50 -32.17
C GLU A 35 26.92 5.93 -30.79
N ARG A 36 28.08 6.25 -30.24
CA ARG A 36 28.43 5.77 -28.91
C ARG A 36 27.48 6.34 -27.87
N GLU A 37 27.07 7.60 -28.04
CA GLU A 37 26.10 8.17 -27.12
C GLU A 37 24.74 7.49 -27.23
N LEU A 38 24.36 7.09 -28.44
CA LEU A 38 23.07 6.45 -28.66
C LEU A 38 23.04 5.01 -28.15
N LYS A 39 24.19 4.36 -28.09
CA LYS A 39 24.22 2.95 -27.71
C LYS A 39 23.49 2.63 -26.41
N PRO A 40 23.64 3.39 -25.31
CA PRO A 40 22.83 3.09 -24.12
C PRO A 40 21.47 3.76 -24.14
N ALA A 41 21.33 4.82 -24.94
CA ALA A 41 20.04 5.49 -25.06
C ALA A 41 18.99 4.58 -25.67
N ARG A 42 19.42 3.64 -26.54
CA ARG A 42 18.48 2.64 -27.06
C ARG A 42 17.91 1.80 -25.94
N VAL A 43 18.79 1.33 -25.03
CA VAL A 43 18.34 0.54 -23.90
C VAL A 43 17.39 1.35 -23.03
N TYR A 44 17.73 2.62 -22.80
CA TYR A 44 16.90 3.47 -21.97
C TYR A 44 15.50 3.65 -22.58
N GLY A 45 15.44 3.95 -23.87
CA GLY A 45 14.15 4.14 -24.52
C GLY A 45 13.32 2.87 -24.57
N VAL A 46 13.97 1.73 -24.85
CA VAL A 46 13.24 0.45 -24.87
C VAL A 46 12.70 0.14 -23.48
N GLY A 47 13.52 0.36 -22.45
CA GLY A 47 13.03 0.14 -21.09
C GLY A 47 11.87 1.04 -20.75
N SER A 48 11.86 2.26 -21.27
CA SER A 48 10.71 3.13 -21.05
C SER A 48 9.46 2.60 -21.74
N LEU A 49 9.59 2.23 -23.02
CA LEU A 49 8.44 1.77 -23.79
C LEU A 49 7.96 0.39 -23.39
N ALA A 50 8.70 -0.31 -22.53
CA ALA A 50 8.32 -1.66 -22.14
C ALA A 50 6.92 -1.72 -21.55
N LEU A 51 6.52 -0.73 -20.76
CA LEU A 51 5.20 -0.78 -20.14
C LEU A 51 4.10 -0.71 -21.19
N TYR A 52 4.16 0.29 -22.07
CA TYR A 52 3.15 0.43 -23.11
C TYR A 52 3.23 -0.66 -24.16
N GLU A 53 4.31 -1.45 -24.16
CA GLU A 53 4.34 -2.63 -25.02
C GLU A 53 3.65 -3.82 -24.34
N LYS A 54 4.00 -4.09 -23.08
CA LYS A 54 3.43 -5.23 -22.38
C LYS A 54 1.93 -5.09 -22.23
N ALA A 55 1.46 -3.89 -21.88
CA ALA A 55 0.04 -3.61 -21.74
C ALA A 55 -0.52 -3.18 -23.08
N ASP A 56 -1.50 -3.93 -23.58
CA ASP A 56 -2.13 -3.62 -24.86
C ASP A 56 -3.17 -2.51 -24.68
N ILE A 57 -2.66 -1.31 -24.44
CA ILE A 57 -3.51 -0.14 -24.31
C ILE A 57 -4.07 0.21 -25.69
N LYS A 58 -5.23 0.85 -25.70
CA LYS A 58 -5.82 1.33 -26.95
C LYS A 58 -6.36 2.75 -26.75
N THR A 59 -7.13 3.20 -27.74
CA THR A 59 -7.57 4.59 -27.79
C THR A 59 -9.07 4.68 -27.50
N PRO A 60 -9.47 5.39 -26.45
CA PRO A 60 -10.91 5.64 -26.23
C PRO A 60 -11.49 6.56 -27.29
N GLU A 61 -11.94 5.96 -28.39
CA GLU A 61 -12.38 6.63 -29.62
C GLU A 61 -13.14 7.93 -29.40
N ASP A 62 -13.98 7.99 -28.36
CA ASP A 62 -14.74 9.21 -28.10
C ASP A 62 -13.83 10.40 -27.81
N LYS A 63 -12.60 10.16 -27.37
CA LYS A 63 -11.67 11.24 -27.11
C LYS A 63 -11.22 11.89 -28.41
N LYS A 64 -11.13 13.22 -28.41
CA LYS A 64 -10.85 13.98 -29.62
C LYS A 64 -9.44 14.58 -29.63
N LYS A 65 -9.10 15.34 -28.60
CA LYS A 65 -7.87 16.14 -28.62
C LYS A 65 -6.65 15.27 -28.86
N HIS A 66 -5.73 15.75 -29.70
CA HIS A 66 -4.62 14.94 -30.13
C HIS A 66 -3.38 15.82 -30.31
N LEU A 67 -2.20 15.24 -30.09
CA LEU A 67 -0.93 15.94 -30.25
C LEU A 67 -0.07 15.25 -31.30
N ILE A 68 0.73 16.04 -32.00
CA ILE A 68 1.73 15.51 -32.93
C ILE A 68 3.03 16.26 -32.70
N ILE A 69 4.11 15.53 -32.44
CA ILE A 69 5.42 16.10 -32.18
C ILE A 69 6.38 15.60 -33.25
N GLY A 70 7.10 16.53 -33.86
CA GLY A 70 8.09 16.17 -34.85
C GLY A 70 9.49 16.59 -34.43
N VAL A 71 10.43 15.67 -34.46
CA VAL A 71 11.78 15.90 -33.92
C VAL A 71 12.76 16.00 -35.06
N SER A 72 13.37 17.17 -35.19
CA SER A 72 14.41 17.42 -36.17
C SER A 72 15.34 18.48 -35.60
N SER A 73 16.14 19.11 -36.44
CA SER A 73 17.09 20.11 -36.00
C SER A 73 16.79 21.45 -36.64
N ASP A 74 17.71 22.40 -36.45
CA ASP A 74 17.63 23.70 -37.09
C ASP A 74 18.63 23.84 -38.23
N ARG A 75 19.45 22.83 -38.47
CA ARG A 75 20.40 22.82 -39.58
C ARG A 75 19.85 21.97 -40.70
N GLY A 76 20.10 22.38 -41.95
CA GLY A 76 19.44 21.77 -43.07
C GLY A 76 20.30 21.42 -44.27
N LEU A 77 21.56 21.04 -44.03
CA LEU A 77 22.43 20.66 -45.14
C LEU A 77 22.39 19.16 -45.43
N CYS A 78 21.56 18.41 -44.71
CA CYS A 78 21.44 16.97 -44.91
C CYS A 78 20.22 16.57 -45.72
N GLY A 79 19.19 17.42 -45.80
CA GLY A 79 18.15 17.24 -46.77
C GLY A 79 16.96 16.37 -46.39
N ALA A 80 17.00 15.11 -46.80
CA ALA A 80 15.79 14.30 -46.91
C ALA A 80 15.14 13.99 -45.57
N ILE A 81 15.86 14.10 -44.45
CA ILE A 81 15.27 13.69 -43.18
C ILE A 81 14.17 14.66 -42.76
N HIS A 82 14.40 15.96 -42.90
CA HIS A 82 13.38 16.94 -42.56
C HIS A 82 12.16 16.76 -43.44
N SER A 83 12.37 16.52 -44.73
CA SER A 83 11.24 16.28 -45.63
C SER A 83 10.47 15.04 -45.22
N SER A 84 11.18 13.97 -44.81
CA SER A 84 10.49 12.73 -44.47
C SER A 84 9.66 12.89 -43.20
N VAL A 85 10.24 13.47 -42.15
CA VAL A 85 9.48 13.65 -40.91
C VAL A 85 8.32 14.61 -41.15
N ALA A 86 8.55 15.66 -41.95
CA ALA A 86 7.48 16.59 -42.25
C ALA A 86 6.36 15.90 -43.02
N LYS A 87 6.72 15.03 -43.96
CA LYS A 87 5.71 14.32 -44.73
C LYS A 87 4.87 13.43 -43.83
N GLN A 88 5.52 12.71 -42.92
CA GLN A 88 4.76 11.89 -41.97
C GLN A 88 3.86 12.75 -41.10
N MET A 89 4.35 13.91 -40.66
CA MET A 89 3.53 14.80 -39.85
C MET A 89 2.31 15.29 -40.62
N LYS A 90 2.49 15.70 -41.88
CA LYS A 90 1.36 16.13 -42.68
C LYS A 90 0.36 15.00 -42.87
N SER A 91 0.85 13.79 -43.15
CA SER A 91 -0.05 12.66 -43.34
C SER A 91 -0.89 12.43 -42.10
N GLU A 92 -0.25 12.38 -40.93
CA GLU A 92 -1.00 12.11 -39.70
C GLU A 92 -1.94 13.25 -39.35
N ALA A 93 -1.47 14.50 -39.48
CA ALA A 93 -2.34 15.63 -39.16
C ALA A 93 -3.56 15.66 -40.06
N ALA A 94 -3.37 15.46 -41.37
CA ALA A 94 -4.49 15.47 -42.30
C ALA A 94 -5.47 14.35 -41.99
N ASN A 95 -4.96 13.13 -41.77
CA ASN A 95 -5.85 12.01 -41.50
C ASN A 95 -6.64 12.22 -40.22
N LEU A 96 -5.98 12.66 -39.15
CA LEU A 96 -6.65 12.79 -37.87
C LEU A 96 -7.60 13.98 -37.85
N ALA A 97 -7.28 15.03 -38.61
CA ALA A 97 -8.23 16.12 -38.78
C ALA A 97 -9.45 15.66 -39.57
N ALA A 98 -9.24 14.87 -40.61
CA ALA A 98 -10.35 14.26 -41.33
C ALA A 98 -11.18 13.37 -40.42
N ALA A 99 -10.56 12.79 -39.40
CA ALA A 99 -11.28 12.05 -38.37
C ALA A 99 -11.97 12.95 -37.36
N GLY A 100 -11.99 14.26 -37.60
CA GLY A 100 -12.64 15.19 -36.70
C GLY A 100 -12.03 15.28 -35.33
N LYS A 101 -10.70 15.39 -35.25
CA LYS A 101 -9.98 15.46 -33.99
C LYS A 101 -9.08 16.69 -33.99
N GLU A 102 -9.19 17.49 -32.94
CA GLU A 102 -8.37 18.69 -32.82
C GLU A 102 -6.91 18.32 -32.69
N VAL A 103 -6.13 18.63 -33.72
CA VAL A 103 -4.74 18.19 -33.83
C VAL A 103 -3.83 19.37 -33.57
N LYS A 104 -2.85 19.17 -32.69
CA LYS A 104 -1.90 20.20 -32.33
C LYS A 104 -0.48 19.73 -32.61
N ILE A 105 0.41 20.68 -32.83
CA ILE A 105 1.76 20.41 -33.29
C ILE A 105 2.77 21.07 -32.37
N ILE A 106 3.80 20.32 -32.01
CA ILE A 106 5.00 20.87 -31.40
C ILE A 106 6.18 20.40 -32.23
N GLY A 107 6.89 21.33 -32.85
CA GLY A 107 7.99 20.97 -33.73
C GLY A 107 9.33 21.25 -33.12
N VAL A 108 10.12 20.20 -32.90
CA VAL A 108 11.45 20.35 -32.32
C VAL A 108 12.43 20.60 -33.47
N GLY A 109 12.96 21.80 -33.53
CA GLY A 109 13.82 22.18 -34.62
C GLY A 109 13.21 23.29 -35.45
N ASP A 110 14.09 24.08 -36.08
CA ASP A 110 13.60 25.17 -36.93
C ASP A 110 13.06 24.64 -38.25
N LYS A 111 13.55 23.49 -38.72
CA LYS A 111 13.20 23.03 -40.05
C LYS A 111 11.76 22.52 -40.10
N ILE A 112 11.29 21.88 -39.02
CA ILE A 112 9.89 21.45 -38.99
C ILE A 112 8.97 22.66 -39.10
N ARG A 113 9.25 23.70 -38.31
CA ARG A 113 8.44 24.91 -38.37
C ARG A 113 8.54 25.56 -39.74
N SER A 114 9.73 25.61 -40.33
CA SER A 114 9.90 26.24 -41.64
C SER A 114 9.10 25.51 -42.71
N ILE A 115 9.18 24.17 -42.72
CA ILE A 115 8.53 23.39 -43.76
C ILE A 115 7.04 23.20 -43.52
N LEU A 116 6.55 23.49 -42.31
CA LEU A 116 5.12 23.51 -42.03
C LEU A 116 4.59 24.90 -41.67
N HIS A 117 5.34 25.97 -41.97
CA HIS A 117 4.85 27.29 -41.62
C HIS A 117 3.73 27.74 -42.55
N ARG A 118 3.89 27.53 -43.86
CA ARG A 118 2.96 28.10 -44.81
C ARG A 118 1.55 27.52 -44.70
N THR A 119 1.41 26.32 -44.15
CA THR A 119 0.14 25.61 -44.20
C THR A 119 -0.48 25.37 -42.84
N HIS A 120 0.25 24.76 -41.90
CA HIS A 120 -0.32 24.32 -40.64
C HIS A 120 0.16 25.14 -39.44
N SER A 121 0.71 26.34 -39.69
CA SER A 121 1.31 27.11 -38.60
C SER A 121 0.30 27.55 -37.56
N ASP A 122 -1.00 27.59 -37.89
CA ASP A 122 -2.00 28.06 -36.94
C ASP A 122 -2.23 27.07 -35.81
N GLN A 123 -1.86 25.80 -36.00
CA GLN A 123 -2.15 24.75 -35.04
C GLN A 123 -1.04 24.51 -34.03
N PHE A 124 0.12 25.14 -34.22
CA PHE A 124 1.27 24.90 -33.34
C PHE A 124 1.03 25.46 -31.95
N LEU A 125 1.40 24.69 -30.93
CA LEU A 125 1.49 25.25 -29.58
C LEU A 125 2.83 25.96 -29.37
N VAL A 126 3.92 25.19 -29.40
CA VAL A 126 5.26 25.71 -29.16
C VAL A 126 6.22 25.02 -30.11
N THR A 127 7.20 25.77 -30.60
CA THR A 127 8.32 25.20 -31.33
C THR A 127 9.60 25.55 -30.60
N PHE A 128 10.57 24.66 -30.68
CA PHE A 128 11.85 24.83 -30.00
C PHE A 128 12.95 24.93 -31.05
N LYS A 129 13.92 25.79 -30.78
CA LYS A 129 15.06 25.99 -31.66
C LYS A 129 16.33 25.63 -30.90
N GLU A 130 17.47 25.82 -31.56
CA GLU A 130 18.78 25.50 -30.99
C GLU A 130 18.85 24.04 -30.59
N VAL A 131 18.48 23.16 -31.51
CA VAL A 131 18.68 21.72 -31.38
C VAL A 131 19.59 21.27 -32.51
N GLY A 132 20.66 20.57 -32.17
CA GLY A 132 21.69 20.20 -33.11
C GLY A 132 22.95 21.03 -33.02
N ARG A 133 22.89 22.20 -32.37
CA ARG A 133 24.11 22.95 -32.11
C ARG A 133 25.04 22.17 -31.19
N ARG A 134 24.48 21.60 -30.13
CA ARG A 134 25.18 20.73 -29.20
C ARG A 134 24.53 19.35 -29.25
N PRO A 135 25.26 18.31 -28.90
CA PRO A 135 24.65 16.98 -28.81
C PRO A 135 23.50 16.99 -27.83
N PRO A 136 22.39 16.34 -28.17
CA PRO A 136 21.22 16.38 -27.28
C PRO A 136 21.50 15.66 -25.97
N THR A 137 20.79 16.08 -24.93
CA THR A 137 20.99 15.53 -23.60
C THR A 137 19.67 15.60 -22.86
N PHE A 138 19.60 14.90 -21.73
CA PHE A 138 18.32 14.64 -21.10
C PHE A 138 17.68 15.93 -20.60
N GLY A 139 18.47 16.98 -20.37
CA GLY A 139 17.92 18.26 -19.98
C GLY A 139 17.02 18.87 -21.06
N ASP A 140 17.40 18.68 -22.33
CA ASP A 140 16.54 19.14 -23.42
C ASP A 140 15.20 18.41 -23.39
N ALA A 141 15.22 17.11 -23.14
CA ALA A 141 13.98 16.37 -23.00
C ALA A 141 13.15 16.89 -21.83
N SER A 142 13.82 17.20 -20.72
CA SER A 142 13.11 17.72 -19.56
C SER A 142 12.43 19.05 -19.87
N VAL A 143 13.15 19.96 -20.53
CA VAL A 143 12.58 21.27 -20.80
C VAL A 143 11.46 21.18 -21.82
N ILE A 144 11.59 20.30 -22.82
CA ILE A 144 10.50 20.12 -23.78
C ILE A 144 9.27 19.56 -23.10
N ALA A 145 9.44 18.54 -22.25
CA ALA A 145 8.29 17.97 -21.54
C ALA A 145 7.65 19.01 -20.63
N LEU A 146 8.47 19.84 -19.97
CA LEU A 146 7.91 20.88 -19.12
C LEU A 146 7.09 21.88 -19.93
N GLU A 147 7.66 22.39 -21.03
CA GLU A 147 6.91 23.33 -21.86
C GLU A 147 5.67 22.69 -22.47
N LEU A 148 5.64 21.36 -22.56
CA LEU A 148 4.42 20.70 -23.01
C LEU A 148 3.38 20.68 -21.90
N LEU A 149 3.73 20.13 -20.74
CA LEU A 149 2.76 19.98 -19.64
C LEU A 149 2.29 21.33 -19.13
N ASN A 150 3.20 22.29 -19.03
CA ASN A 150 2.84 23.60 -18.50
C ASN A 150 1.92 24.36 -19.46
N SER A 151 2.01 24.05 -20.75
CA SER A 151 1.13 24.68 -21.72
C SER A 151 -0.32 24.30 -21.44
N GLY A 152 -1.23 25.19 -21.83
CA GLY A 152 -2.63 25.03 -21.50
C GLY A 152 -3.37 24.02 -22.35
N TYR A 153 -2.68 22.98 -22.80
CA TYR A 153 -3.28 21.94 -23.63
C TYR A 153 -3.11 20.59 -22.94
N GLU A 154 -4.21 20.04 -22.44
CA GLU A 154 -4.22 18.70 -21.87
C GLU A 154 -4.65 17.73 -22.96
N PHE A 155 -3.66 17.24 -23.72
CA PHE A 155 -3.93 16.34 -24.83
C PHE A 155 -4.46 15.01 -24.34
N ASP A 156 -5.10 14.28 -25.25
CA ASP A 156 -5.61 12.94 -24.96
C ASP A 156 -4.74 11.84 -25.52
N GLU A 157 -4.14 12.05 -26.69
CA GLU A 157 -3.19 11.09 -27.26
C GLU A 157 -2.26 11.85 -28.19
N GLY A 158 -0.97 11.53 -28.12
CA GLY A 158 0.01 12.18 -28.95
C GLY A 158 0.84 11.15 -29.71
N SER A 159 1.66 11.67 -30.62
CA SER A 159 2.52 10.81 -31.43
C SER A 159 3.80 11.57 -31.71
N ILE A 160 4.94 10.97 -31.35
CA ILE A 160 6.24 11.56 -31.66
C ILE A 160 6.75 10.94 -32.94
N ILE A 161 7.20 11.79 -33.87
CA ILE A 161 7.60 11.34 -35.20
C ILE A 161 9.06 11.72 -35.41
N PHE A 162 9.92 10.73 -35.58
CA PHE A 162 11.35 10.97 -35.66
C PHE A 162 11.96 10.01 -36.66
N ASN A 163 13.28 10.06 -36.80
CA ASN A 163 14.03 9.15 -37.66
C ASN A 163 14.80 8.16 -36.80
N ARG A 164 14.32 6.92 -36.76
CA ARG A 164 15.11 5.86 -36.16
C ARG A 164 16.33 5.56 -37.02
N PHE A 165 17.48 5.44 -36.36
CA PHE A 165 18.75 5.17 -37.00
C PHE A 165 18.95 3.67 -37.13
N ARG A 166 19.32 3.21 -38.33
CA ARG A 166 19.54 1.79 -38.59
C ARG A 166 21.00 1.50 -38.89
N SER A 167 21.55 2.16 -39.90
CA SER A 167 22.95 1.99 -40.28
C SER A 167 23.52 3.36 -40.61
N VAL A 168 24.78 3.37 -41.04
CA VAL A 168 25.44 4.62 -41.38
C VAL A 168 24.71 5.32 -42.52
N ILE A 169 23.95 4.56 -43.31
CA ILE A 169 23.22 5.11 -44.46
C ILE A 169 21.72 4.92 -44.37
N SER A 170 21.21 4.25 -43.35
CA SER A 170 19.79 3.91 -43.28
C SER A 170 19.12 4.60 -42.10
N TYR A 171 18.04 5.34 -42.40
CA TYR A 171 17.19 5.91 -41.38
C TYR A 171 15.74 5.75 -41.81
N LYS A 172 14.88 5.47 -40.85
CA LYS A 172 13.47 5.22 -41.13
C LYS A 172 12.61 6.14 -40.28
N THR A 173 11.68 6.84 -40.91
CA THR A 173 10.82 7.76 -40.17
C THR A 173 9.76 6.96 -39.43
N GLU A 174 9.92 6.85 -38.12
CA GLU A 174 9.03 6.09 -37.26
C GLU A 174 8.22 7.03 -36.39
N GLU A 175 7.15 6.50 -35.81
CA GLU A 175 6.21 7.27 -35.01
C GLU A 175 5.76 6.42 -33.83
N LYS A 176 5.85 6.98 -32.63
CA LYS A 176 5.52 6.24 -31.43
C LYS A 176 4.45 6.96 -30.62
N PRO A 177 3.55 6.22 -29.97
CA PRO A 177 2.45 6.85 -29.25
C PRO A 177 2.88 7.43 -27.92
N ILE A 178 2.10 8.41 -27.47
CA ILE A 178 2.26 9.04 -26.17
C ILE A 178 0.87 9.11 -25.54
N PHE A 179 0.74 8.56 -24.33
CA PHE A 179 -0.57 8.37 -23.71
C PHE A 179 -0.80 9.36 -22.58
N SER A 180 -2.01 9.92 -22.57
CA SER A 180 -2.45 10.73 -21.45
C SER A 180 -2.88 9.82 -20.30
N LEU A 181 -2.89 10.40 -19.09
CA LEU A 181 -3.28 9.61 -17.93
C LEU A 181 -4.74 9.17 -18.03
N ASP A 182 -5.59 9.98 -18.66
CA ASP A 182 -6.99 9.60 -18.77
C ASP A 182 -7.14 8.31 -19.56
N THR A 183 -6.28 8.09 -20.57
CA THR A 183 -6.27 6.83 -21.29
C THR A 183 -5.75 5.70 -20.41
N ILE A 184 -4.71 5.97 -19.62
CA ILE A 184 -4.04 4.93 -18.85
C ILE A 184 -4.93 4.41 -17.73
N SER A 185 -5.57 5.33 -17.00
CA SER A 185 -6.42 4.96 -15.87
C SER A 185 -7.77 4.41 -16.30
N SER A 186 -8.20 4.66 -17.53
CA SER A 186 -9.48 4.18 -18.03
C SER A 186 -9.31 3.00 -18.98
N ALA A 187 -8.25 2.22 -18.78
CA ALA A 187 -8.02 1.00 -19.55
C ALA A 187 -8.10 -0.18 -18.61
N GLU A 188 -8.96 -1.14 -18.93
CA GLU A 188 -9.15 -2.31 -18.09
C GLU A 188 -8.08 -3.37 -18.30
N SER A 189 -7.19 -3.18 -19.27
CA SER A 189 -6.09 -4.11 -19.49
C SER A 189 -4.97 -3.93 -18.47
N MET A 190 -4.80 -2.74 -17.93
CA MET A 190 -3.70 -2.43 -17.02
C MET A 190 -4.10 -2.61 -15.55
N SER A 191 -5.34 -3.03 -15.29
CA SER A 191 -5.83 -3.09 -13.92
C SER A 191 -4.99 -4.00 -13.03
N ILE A 192 -4.24 -4.93 -13.63
CA ILE A 192 -3.45 -5.88 -12.84
C ILE A 192 -2.39 -5.17 -12.01
N TYR A 193 -1.93 -4.00 -12.46
CA TYR A 193 -0.85 -3.31 -11.78
C TYR A 193 -1.27 -2.86 -10.40
N ASP A 194 -0.47 -3.21 -9.40
CA ASP A 194 -0.80 -2.99 -8.00
C ASP A 194 -0.08 -1.76 -7.47
N ASP A 195 -0.65 -1.19 -6.39
CA ASP A 195 -0.02 -0.10 -5.65
C ASP A 195 0.20 1.12 -6.52
N ILE A 196 -0.73 1.35 -7.45
CA ILE A 196 -0.69 2.54 -8.30
C ILE A 196 -1.89 3.40 -7.95
N ASP A 197 -1.62 4.58 -7.40
CA ASP A 197 -2.65 5.54 -7.08
C ASP A 197 -3.06 6.29 -8.35
N ALA A 198 -3.89 7.31 -8.19
CA ALA A 198 -4.13 8.26 -9.27
C ALA A 198 -3.02 9.30 -9.36
N ASP A 199 -2.13 9.35 -8.37
CA ASP A 199 -1.03 10.30 -8.37
C ASP A 199 0.28 9.68 -8.77
N VAL A 200 0.46 8.37 -8.56
CA VAL A 200 1.65 7.70 -9.07
C VAL A 200 1.65 7.71 -10.58
N LEU A 201 0.47 7.57 -11.19
CA LEU A 201 0.38 7.57 -12.65
C LEU A 201 0.70 8.94 -13.24
N ARG A 202 0.34 10.03 -12.56
CA ARG A 202 0.75 11.35 -13.06
C ARG A 202 2.27 11.43 -13.16
N ASN A 203 2.95 11.02 -12.10
CA ASN A 203 4.41 11.05 -12.11
C ASN A 203 4.97 10.14 -13.20
N TYR A 204 4.41 8.93 -13.31
CA TYR A 204 4.94 7.99 -14.29
C TYR A 204 4.77 8.50 -15.71
N GLN A 205 3.60 9.07 -16.03
CA GLN A 205 3.40 9.57 -17.39
C GLN A 205 4.24 10.82 -17.65
N GLU A 206 4.33 11.71 -16.67
CA GLU A 206 5.15 12.90 -16.86
C GLU A 206 6.62 12.52 -17.04
N TYR A 207 7.04 11.40 -16.48
CA TYR A 207 8.43 10.97 -16.69
C TYR A 207 8.61 10.21 -18.00
N SER A 208 7.65 9.36 -18.37
CA SER A 208 7.79 8.61 -19.61
C SER A 208 7.65 9.51 -20.84
N LEU A 209 6.94 10.63 -20.72
CA LEU A 209 6.94 11.60 -21.81
C LEU A 209 8.34 12.11 -22.08
N ALA A 210 9.05 12.51 -21.02
CA ALA A 210 10.44 12.95 -21.20
C ALA A 210 11.31 11.81 -21.67
N ASN A 211 11.03 10.58 -21.23
CA ASN A 211 11.83 9.44 -21.66
C ASN A 211 11.72 9.24 -23.17
N ILE A 212 10.49 9.24 -23.69
CA ILE A 212 10.32 9.02 -25.12
C ILE A 212 10.86 10.21 -25.91
N ILE A 213 10.72 11.43 -25.39
CA ILE A 213 11.27 12.58 -26.07
C ILE A 213 12.79 12.47 -26.17
N TYR A 214 13.43 12.07 -25.07
CA TYR A 214 14.88 11.93 -25.07
C TYR A 214 15.33 10.84 -26.04
N TYR A 215 14.62 9.71 -26.06
CA TYR A 215 14.95 8.64 -26.99
C TYR A 215 14.85 9.13 -28.42
N SER A 216 13.78 9.85 -28.74
CA SER A 216 13.61 10.39 -30.09
C SER A 216 14.73 11.35 -30.43
N LEU A 217 15.12 12.21 -29.49
CA LEU A 217 16.20 13.15 -29.77
C LEU A 217 17.49 12.43 -30.08
N LYS A 218 17.82 11.38 -29.31
CA LYS A 218 19.06 10.64 -29.58
C LYS A 218 19.03 9.98 -30.94
N GLU A 219 17.93 9.28 -31.26
CA GLU A 219 17.83 8.62 -32.56
C GLU A 219 17.90 9.61 -33.70
N SER A 220 17.17 10.73 -33.57
CA SER A 220 17.14 11.73 -34.62
C SER A 220 18.49 12.38 -34.84
N THR A 221 19.20 12.71 -33.75
CA THR A 221 20.54 13.29 -33.91
C THR A 221 21.47 12.33 -34.62
N THR A 222 21.46 11.06 -34.22
CA THR A 222 22.35 10.10 -34.87
C THR A 222 22.03 9.97 -36.35
N SER A 223 20.75 9.79 -36.68
CA SER A 223 20.37 9.61 -38.08
C SER A 223 20.67 10.85 -38.90
N GLU A 224 20.43 12.03 -38.33
CA GLU A 224 20.74 13.28 -39.01
C GLU A 224 22.22 13.39 -39.31
N GLN A 225 23.07 13.07 -38.34
CA GLN A 225 24.50 13.19 -38.56
C GLN A 225 24.97 12.22 -39.64
N SER A 226 24.46 10.98 -39.62
CA SER A 226 24.84 10.04 -40.66
C SER A 226 24.35 10.51 -42.04
N ALA A 227 23.14 11.07 -42.09
CA ALA A 227 22.62 11.57 -43.35
C ALA A 227 23.46 12.72 -43.88
N ARG A 228 23.85 13.64 -43.01
CA ARG A 228 24.71 14.74 -43.44
C ARG A 228 26.05 14.22 -43.93
N MET A 229 26.61 13.21 -43.24
CA MET A 229 27.84 12.58 -43.69
C MET A 229 27.70 12.05 -45.11
N THR A 230 26.67 11.26 -45.37
CA THR A 230 26.57 10.63 -46.68
C THR A 230 26.22 11.66 -47.76
N ALA A 231 25.42 12.67 -47.43
CA ALA A 231 25.10 13.70 -48.40
C ALA A 231 26.33 14.50 -48.77
N MET A 232 27.15 14.89 -47.78
CA MET A 232 28.38 15.60 -48.09
C MET A 232 29.36 14.73 -48.86
N ASP A 233 29.41 13.43 -48.57
CA ASP A 233 30.28 12.55 -49.34
C ASP A 233 29.85 12.49 -50.81
N ASN A 234 28.54 12.36 -51.05
CA ASN A 234 28.04 12.34 -52.41
C ASN A 234 28.32 13.67 -53.12
N ALA A 235 28.10 14.78 -52.43
CA ALA A 235 28.36 16.09 -53.02
C ALA A 235 29.84 16.25 -53.34
N SER A 236 30.71 15.78 -52.44
CA SER A 236 32.15 15.88 -52.69
C SER A 236 32.55 15.07 -53.91
N LYS A 237 32.01 13.85 -54.05
CA LYS A 237 32.36 13.04 -55.22
C LYS A 237 31.84 13.65 -56.51
N ASN A 238 30.62 14.20 -56.48
CA ASN A 238 30.10 14.88 -57.67
C ASN A 238 30.95 16.10 -58.03
N ALA A 239 31.34 16.88 -57.02
CA ALA A 239 32.21 18.03 -57.28
C ALA A 239 33.56 17.58 -57.82
N SER A 240 34.07 16.45 -57.34
CA SER A 240 35.34 15.95 -57.83
C SER A 240 35.27 15.57 -59.30
N GLU A 241 34.22 14.84 -59.69
CA GLU A 241 34.10 14.49 -61.10
C GLU A 241 33.86 15.72 -61.97
N MET A 242 33.08 16.69 -61.48
CA MET A 242 32.85 17.91 -62.24
C MET A 242 34.15 18.70 -62.40
N ILE A 243 34.98 18.74 -61.36
CA ILE A 243 36.31 19.35 -61.47
C ILE A 243 37.15 18.59 -62.48
N ASP A 244 37.04 17.26 -62.49
CA ASP A 244 37.80 16.47 -63.45
C ASP A 244 37.44 16.82 -64.88
N LYS A 245 36.14 16.99 -65.18
CA LYS A 245 35.75 17.44 -66.51
C LYS A 245 36.19 18.88 -66.80
N LEU A 246 36.04 19.77 -65.83
CA LEU A 246 36.39 21.17 -66.06
C LEU A 246 37.88 21.35 -66.27
N THR A 247 38.70 20.50 -65.67
CA THR A 247 40.14 20.56 -65.91
C THR A 247 40.48 20.22 -67.35
N LEU A 248 39.83 19.19 -67.89
CA LEU A 248 40.04 18.84 -69.30
C LEU A 248 39.60 19.98 -70.20
N THR A 249 38.44 20.57 -69.91
CA THR A 249 37.98 21.72 -70.71
C THR A 249 38.95 22.88 -70.63
N PHE A 250 39.48 23.15 -69.43
CA PHE A 250 40.45 24.23 -69.25
C PHE A 250 41.71 23.98 -70.04
N ASN A 251 42.21 22.73 -70.02
CA ASN A 251 43.40 22.40 -70.81
C ASN A 251 43.16 22.59 -72.29
N ARG A 252 42.00 22.14 -72.78
CA ARG A 252 41.68 22.32 -74.19
C ARG A 252 41.62 23.80 -74.54
N THR A 253 40.98 24.60 -73.69
CA THR A 253 40.87 26.04 -73.96
C THR A 253 42.25 26.69 -73.97
N ARG A 254 43.12 26.31 -73.04
CA ARG A 254 44.46 26.90 -73.00
C ARG A 254 45.26 26.54 -74.24
N GLN A 255 45.17 25.28 -74.68
CA GLN A 255 45.85 24.90 -75.92
C GLN A 255 45.31 25.67 -77.12
N ALA A 256 43.99 25.85 -77.18
CA ALA A 256 43.40 26.61 -78.28
C ALA A 256 43.88 28.06 -78.25
N VAL A 257 43.97 28.67 -77.07
CA VAL A 257 44.45 30.04 -76.96
C VAL A 257 45.89 30.13 -77.44
N ILE A 258 46.74 29.18 -77.02
CA ILE A 258 48.13 29.19 -77.45
C ILE A 258 48.22 29.09 -78.97
N THR A 259 47.47 28.15 -79.56
CA THR A 259 47.51 27.98 -81.00
C THR A 259 47.05 29.23 -81.73
N LYS A 260 45.95 29.83 -81.28
CA LYS A 260 45.42 31.03 -81.95
C LYS A 260 46.39 32.18 -81.83
N GLU A 261 47.03 32.35 -80.66
CA GLU A 261 47.97 33.45 -80.49
C GLU A 261 49.20 33.27 -81.39
N LEU A 262 49.74 32.04 -81.46
CA LEU A 262 50.88 31.82 -82.36
C LEU A 262 50.47 32.04 -83.81
N ILE A 263 49.27 31.62 -84.20
CA ILE A 263 48.81 31.82 -85.57
C ILE A 263 48.71 33.31 -85.88
N GLU A 264 48.13 34.09 -84.96
CA GLU A 264 48.01 35.52 -85.20
C GLU A 264 49.37 36.19 -85.25
N ILE A 265 50.30 35.78 -84.38
CA ILE A 265 51.64 36.37 -84.38
C ILE A 265 52.35 36.08 -85.69
N ILE A 266 52.29 34.83 -86.16
CA ILE A 266 52.98 34.49 -87.39
C ILE A 266 52.34 35.19 -88.59
N SER A 267 51.01 35.34 -88.58
CA SER A 267 50.34 36.06 -89.66
C SER A 267 50.74 37.54 -89.66
N GLY A 268 50.81 38.15 -88.48
CA GLY A 268 51.22 39.54 -88.41
C GLY A 268 52.67 39.75 -88.82
N ALA A 269 53.54 38.78 -88.49
CA ALA A 269 54.92 38.87 -88.93
C ALA A 269 55.03 38.68 -90.44
N ALA A 270 54.19 37.81 -91.01
CA ALA A 270 54.19 37.61 -92.46
C ALA A 270 53.67 38.84 -93.19
N ALA A 271 52.73 39.56 -92.58
CA ALA A 271 52.17 40.76 -93.21
C ALA A 271 53.25 41.82 -93.43
N LEU A 272 54.10 42.04 -92.43
CA LEU A 272 55.19 43.00 -92.56
C LEU A 272 56.50 42.28 -92.83
N GLN B 15 12.07 -16.57 -14.36
CA GLN B 15 12.86 -15.76 -13.44
C GLN B 15 12.86 -14.30 -13.86
N MET B 16 13.64 -13.49 -13.15
CA MET B 16 13.67 -12.06 -13.39
C MET B 16 14.51 -11.72 -14.62
N SER B 17 14.13 -10.64 -15.29
CA SER B 17 14.93 -10.05 -16.37
C SER B 17 15.01 -8.55 -16.09
N PHE B 18 16.13 -8.13 -15.51
CA PHE B 18 16.28 -6.80 -14.93
C PHE B 18 17.05 -5.89 -15.87
N THR B 19 16.63 -4.63 -15.94
CA THR B 19 17.28 -3.64 -16.79
C THR B 19 17.41 -2.34 -16.02
N PHE B 20 18.63 -2.04 -15.56
CA PHE B 20 18.92 -0.83 -14.81
C PHE B 20 19.58 0.17 -15.76
N ALA B 21 18.96 1.32 -15.96
CA ALA B 21 19.46 2.24 -16.99
C ALA B 21 19.33 3.69 -16.55
N SER B 22 20.37 4.46 -16.81
CA SER B 22 20.35 5.92 -16.78
C SER B 22 20.54 6.45 -18.19
N PRO B 23 20.19 7.71 -18.46
CA PRO B 23 20.30 8.21 -19.85
C PRO B 23 21.69 8.08 -20.43
N THR B 24 22.74 8.18 -19.62
CA THR B 24 24.10 8.13 -20.11
C THR B 24 24.80 6.81 -19.85
N GLN B 25 24.13 5.84 -19.22
CA GLN B 25 24.79 4.63 -18.78
C GLN B 25 23.80 3.50 -18.67
N VAL B 26 24.29 2.28 -18.89
CA VAL B 26 23.53 1.06 -18.67
C VAL B 26 24.30 0.17 -17.71
N PHE B 27 23.64 -0.25 -16.63
CA PHE B 27 24.26 -1.08 -15.60
C PHE B 27 23.90 -2.55 -15.75
N PHE B 28 22.66 -2.85 -16.13
CA PHE B 28 22.21 -4.20 -16.43
C PHE B 28 21.33 -4.14 -17.67
N ASN B 29 21.72 -4.85 -18.72
CA ASN B 29 21.00 -4.83 -19.99
C ASN B 29 20.28 -6.17 -20.10
N SER B 30 19.06 -6.23 -19.54
CA SER B 30 18.24 -7.43 -19.53
C SER B 30 19.00 -8.61 -18.93
N ALA B 31 19.79 -8.34 -17.89
CA ALA B 31 20.54 -9.39 -17.21
C ALA B 31 19.60 -10.11 -16.25
N ASN B 32 20.17 -10.95 -15.38
CA ASN B 32 19.40 -11.71 -14.41
C ASN B 32 19.98 -11.52 -13.03
N VAL B 33 19.12 -11.27 -12.05
CA VAL B 33 19.51 -11.07 -10.67
C VAL B 33 18.48 -11.75 -9.77
N ARG B 34 18.85 -11.92 -8.50
CA ARG B 34 17.99 -12.63 -7.58
C ARG B 34 16.99 -11.73 -6.88
N GLN B 35 17.38 -10.49 -6.56
CA GLN B 35 16.56 -9.63 -5.73
C GLN B 35 17.02 -8.20 -5.88
N VAL B 36 16.08 -7.28 -6.07
CA VAL B 36 16.41 -5.87 -6.26
C VAL B 36 15.57 -5.05 -5.29
N ASP B 37 16.21 -4.34 -4.38
CA ASP B 37 15.50 -3.55 -3.38
C ASP B 37 15.49 -2.09 -3.83
N VAL B 38 14.35 -1.62 -4.30
CA VAL B 38 14.25 -0.28 -4.88
C VAL B 38 13.61 0.67 -3.88
N PRO B 39 14.07 1.93 -3.82
CA PRO B 39 13.33 2.95 -3.07
C PRO B 39 12.32 3.67 -3.95
N THR B 40 11.05 3.70 -3.53
CA THR B 40 9.99 4.29 -4.32
C THR B 40 9.33 5.41 -3.52
N GLN B 41 8.51 6.19 -4.21
CA GLN B 41 7.89 7.35 -3.56
C GLN B 41 6.94 6.92 -2.47
N THR B 42 6.16 5.86 -2.72
CA THR B 42 5.24 5.36 -1.70
C THR B 42 5.96 4.54 -0.63
N GLY B 43 7.10 3.94 -0.96
CA GLY B 43 7.86 3.18 0.00
C GLY B 43 8.76 2.14 -0.63
N ALA B 44 9.95 1.95 -0.08
CA ALA B 44 10.90 1.02 -0.65
C ALA B 44 10.39 -0.40 -0.55
N PHE B 45 10.71 -1.22 -1.57
CA PHE B 45 10.32 -2.62 -1.52
C PHE B 45 11.29 -3.45 -2.35
N GLY B 46 11.26 -4.75 -2.12
CA GLY B 46 12.16 -5.69 -2.78
C GLY B 46 11.42 -6.51 -3.82
N ILE B 47 12.04 -6.65 -4.99
CA ILE B 47 11.46 -7.33 -6.14
C ILE B 47 12.22 -8.62 -6.35
N LEU B 48 11.48 -9.72 -6.54
CA LEU B 48 12.02 -11.06 -6.71
C LEU B 48 11.47 -11.67 -8.00
N ALA B 49 11.67 -12.98 -8.14
CA ALA B 49 11.47 -13.66 -9.41
C ALA B 49 10.06 -13.49 -9.97
N ALA B 50 9.05 -13.36 -9.11
CA ALA B 50 7.68 -13.32 -9.59
C ALA B 50 6.86 -12.25 -8.88
N HIS B 51 7.44 -11.07 -8.67
CA HIS B 51 6.75 -9.99 -7.96
C HIS B 51 5.44 -9.60 -8.66
N VAL B 52 4.55 -8.97 -7.92
CA VAL B 52 3.29 -8.50 -8.50
C VAL B 52 3.55 -7.25 -9.34
N PRO B 53 2.87 -7.06 -10.46
CA PRO B 53 3.12 -5.88 -11.30
C PRO B 53 2.87 -4.57 -10.55
N THR B 54 3.86 -3.68 -10.61
CA THR B 54 3.78 -2.36 -9.99
C THR B 54 4.37 -1.33 -10.94
N LEU B 55 4.04 -0.06 -10.70
CA LEU B 55 4.46 1.05 -11.55
C LEU B 55 4.95 2.22 -10.72
N GLN B 56 5.83 1.96 -9.77
CA GLN B 56 6.24 3.01 -8.86
C GLN B 56 7.25 3.96 -9.51
N VAL B 57 7.24 5.20 -9.03
CA VAL B 57 8.28 6.16 -9.35
C VAL B 57 9.26 6.19 -8.19
N LEU B 58 10.41 6.79 -8.43
CA LEU B 58 11.50 6.73 -7.47
C LEU B 58 11.62 8.03 -6.69
N ARG B 59 12.23 7.91 -5.51
CA ARG B 59 12.64 9.03 -4.68
C ARG B 59 14.11 8.85 -4.36
N PRO B 60 14.85 9.95 -4.14
CA PRO B 60 16.31 9.84 -3.99
C PRO B 60 16.70 8.84 -2.93
N GLY B 61 17.37 7.77 -3.36
CA GLY B 61 17.72 6.72 -2.43
C GLY B 61 18.79 5.84 -3.03
N LEU B 62 18.99 4.67 -2.44
CA LEU B 62 19.95 3.72 -2.96
C LEU B 62 19.26 2.38 -3.20
N VAL B 63 19.49 1.81 -4.37
CA VAL B 63 18.98 0.51 -4.76
C VAL B 63 20.11 -0.49 -4.65
N VAL B 64 19.85 -1.63 -4.01
CA VAL B 64 20.81 -2.71 -3.89
C VAL B 64 20.34 -3.86 -4.78
N VAL B 65 21.26 -4.42 -5.54
CA VAL B 65 20.98 -5.47 -6.50
C VAL B 65 21.75 -6.71 -6.09
N HIS B 66 21.03 -7.79 -5.81
CA HIS B 66 21.64 -9.06 -5.45
C HIS B 66 21.88 -9.86 -6.72
N ALA B 67 23.14 -10.18 -6.99
CA ALA B 67 23.48 -10.89 -8.22
C ALA B 67 23.03 -12.35 -8.11
N GLU B 68 23.35 -13.15 -9.11
CA GLU B 68 22.95 -14.55 -9.09
C GLU B 68 23.59 -15.30 -7.94
N ASP B 69 24.83 -14.98 -7.61
CA ASP B 69 25.47 -15.53 -6.42
C ASP B 69 25.04 -14.70 -5.21
N GLY B 70 25.73 -14.88 -4.07
CA GLY B 70 25.42 -14.07 -2.92
C GLY B 70 25.89 -12.63 -3.00
N THR B 71 26.57 -12.26 -4.10
CA THR B 71 27.12 -10.93 -4.24
C THR B 71 26.01 -9.89 -4.28
N THR B 72 26.33 -8.68 -3.82
CA THR B 72 25.40 -7.57 -3.85
C THR B 72 26.13 -6.32 -4.35
N SER B 73 25.37 -5.40 -4.91
CA SER B 73 25.90 -4.13 -5.39
C SER B 73 24.93 -3.01 -5.00
N LYS B 74 25.46 -1.80 -4.87
CA LYS B 74 24.64 -0.66 -4.49
C LYS B 74 24.79 0.45 -5.51
N TYR B 75 23.71 1.20 -5.72
CA TYR B 75 23.71 2.33 -6.64
C TYR B 75 22.79 3.39 -6.08
N PHE B 76 23.22 4.64 -6.08
CA PHE B 76 22.37 5.73 -5.65
C PHE B 76 21.59 6.26 -6.84
N VAL B 77 20.26 6.22 -6.75
CA VAL B 77 19.37 6.73 -7.80
C VAL B 77 18.75 8.04 -7.30
N SER B 78 18.86 9.07 -8.13
CA SER B 78 18.29 10.37 -7.76
C SER B 78 16.78 10.36 -7.85
N SER B 79 16.24 9.80 -8.93
CA SER B 79 14.81 9.71 -9.17
C SER B 79 14.62 8.94 -10.47
N GLY B 80 13.38 8.65 -10.80
CA GLY B 80 13.09 7.93 -12.02
C GLY B 80 11.82 7.13 -11.94
N SER B 81 11.84 5.90 -12.47
CA SER B 81 10.66 5.06 -12.48
C SER B 81 11.07 3.60 -12.47
N VAL B 82 10.34 2.80 -11.71
CA VAL B 82 10.53 1.35 -11.69
C VAL B 82 9.26 0.70 -12.20
N THR B 83 9.40 -0.25 -13.11
CA THR B 83 8.28 -1.00 -13.65
C THR B 83 8.55 -2.48 -13.46
N VAL B 84 7.57 -3.19 -12.93
CA VAL B 84 7.64 -4.64 -12.75
C VAL B 84 6.57 -5.24 -13.64
N ASN B 85 6.97 -5.73 -14.81
CA ASN B 85 6.00 -6.26 -15.75
C ASN B 85 5.42 -7.57 -15.24
N ALA B 86 4.33 -8.00 -15.89
CA ALA B 86 3.65 -9.22 -15.46
C ALA B 86 4.53 -10.44 -15.64
N ASP B 87 5.31 -10.49 -16.72
CA ASP B 87 6.15 -11.63 -17.05
C ASP B 87 7.52 -11.57 -16.39
N SER B 88 7.62 -10.90 -15.24
CA SER B 88 8.84 -10.81 -14.44
C SER B 88 9.94 -10.02 -15.13
N SER B 89 9.58 -9.14 -16.05
CA SER B 89 10.54 -8.21 -16.63
C SER B 89 10.52 -6.92 -15.84
N VAL B 90 11.68 -6.51 -15.34
CA VAL B 90 11.79 -5.32 -14.49
C VAL B 90 12.65 -4.30 -15.21
N GLN B 91 12.14 -3.07 -15.31
CA GLN B 91 12.92 -1.96 -15.85
C GLN B 91 13.01 -0.88 -14.78
N LEU B 92 14.23 -0.57 -14.36
CA LEU B 92 14.49 0.51 -13.43
C LEU B 92 15.27 1.60 -14.15
N LEU B 93 14.61 2.72 -14.41
CA LEU B 93 15.21 3.84 -15.12
C LEU B 93 15.42 4.97 -14.14
N ALA B 94 16.63 5.53 -14.14
CA ALA B 94 16.98 6.60 -13.22
C ALA B 94 17.62 7.74 -13.99
N GLU B 95 17.22 8.97 -13.65
CA GLU B 95 17.81 10.13 -14.33
C GLU B 95 19.30 10.26 -14.02
N GLU B 96 19.68 10.02 -12.77
CA GLU B 96 21.09 9.99 -12.38
C GLU B 96 21.30 8.88 -11.37
N ALA B 97 21.82 7.75 -11.83
CA ALA B 97 22.21 6.64 -10.98
C ALA B 97 23.73 6.53 -10.99
N VAL B 98 24.33 6.63 -9.81
CA VAL B 98 25.77 6.64 -9.68
C VAL B 98 26.19 5.53 -8.72
N THR B 99 27.32 4.90 -9.02
CA THR B 99 27.86 3.90 -8.12
C THR B 99 28.19 4.55 -6.77
N LEU B 100 28.01 3.78 -5.70
CA LEU B 100 27.95 4.36 -4.37
C LEU B 100 29.30 4.95 -3.94
N ASP B 101 30.37 4.63 -4.64
CA ASP B 101 31.69 5.16 -4.30
C ASP B 101 32.02 6.46 -5.02
N MET B 102 31.07 7.04 -5.76
CA MET B 102 31.31 8.24 -6.54
C MET B 102 30.78 9.51 -5.87
N LEU B 103 30.68 9.51 -4.55
CA LEU B 103 30.08 10.62 -3.83
C LEU B 103 30.95 11.01 -2.64
N ASP B 104 30.90 12.28 -2.26
CA ASP B 104 31.62 12.81 -1.13
C ASP B 104 30.67 13.05 0.03
N LEU B 105 31.01 12.53 1.21
CA LEU B 105 30.23 12.84 2.40
C LEU B 105 30.38 14.32 2.78
N GLY B 106 31.58 14.87 2.63
CA GLY B 106 31.78 16.27 2.98
C GLY B 106 30.94 17.21 2.12
N ALA B 107 30.94 16.98 0.80
CA ALA B 107 30.14 17.79 -0.09
C ALA B 107 28.66 17.67 0.23
N ALA B 108 28.19 16.45 0.49
CA ALA B 108 26.78 16.25 0.81
C ALA B 108 26.39 16.98 2.09
N LYS B 109 27.23 16.87 3.12
CA LYS B 109 26.95 17.56 4.38
C LYS B 109 26.93 19.07 4.17
N ALA B 110 27.92 19.60 3.46
CA ALA B 110 28.01 21.04 3.27
C ALA B 110 26.80 21.56 2.51
N ASN B 111 26.41 20.87 1.44
CA ASN B 111 25.27 21.32 0.66
C ASN B 111 23.96 21.18 1.44
N LEU B 112 23.80 20.11 2.22
CA LEU B 112 22.62 19.99 3.06
C LEU B 112 22.54 21.12 4.08
N GLU B 113 23.67 21.42 4.72
CA GLU B 113 23.69 22.48 5.71
C GLU B 113 23.36 23.83 5.08
N LYS B 114 23.94 24.12 3.93
CA LYS B 114 23.63 25.36 3.24
C LYS B 114 22.14 25.42 2.88
N ALA B 115 21.65 24.35 2.22
CA ALA B 115 20.25 24.33 1.79
C ALA B 115 19.32 24.59 2.97
N GLN B 116 19.54 23.93 4.10
CA GLN B 116 18.76 24.26 5.28
C GLN B 116 19.03 25.67 5.77
N SER B 117 20.19 26.25 5.44
CA SER B 117 20.49 27.61 5.89
C SER B 117 19.65 28.64 5.15
N GLU B 118 19.25 28.37 3.90
CA GLU B 118 18.21 29.22 3.31
C GLU B 118 16.83 28.58 3.32
N LEU B 119 16.64 27.48 4.04
CA LEU B 119 15.32 26.85 4.09
C LEU B 119 14.29 27.80 4.71
N LEU B 120 14.66 28.47 5.81
CA LEU B 120 13.73 29.36 6.48
C LEU B 120 13.40 30.59 5.64
N GLY B 121 14.23 30.91 4.65
CA GLY B 121 13.93 32.00 3.74
C GLY B 121 13.02 31.56 2.61
N ALA B 122 11.88 30.96 2.96
CA ALA B 122 10.95 30.45 1.97
C ALA B 122 10.22 31.59 1.28
N ALA B 123 10.68 31.98 0.09
CA ALA B 123 10.08 33.07 -0.66
C ALA B 123 8.61 32.77 -0.97
N ASP B 124 8.37 31.71 -1.75
CA ASP B 124 7.02 31.29 -2.08
C ASP B 124 6.93 29.78 -1.94
N GLU B 125 5.69 29.27 -1.89
CA GLU B 125 5.47 27.86 -1.64
C GLU B 125 6.20 26.99 -2.67
N ALA B 126 6.20 27.41 -3.93
CA ALA B 126 6.95 26.67 -4.95
C ALA B 126 8.45 26.70 -4.66
N THR B 127 8.98 27.88 -4.30
CA THR B 127 10.39 27.97 -3.97
C THR B 127 10.72 27.16 -2.73
N ARG B 128 9.84 27.18 -1.73
CA ARG B 128 10.05 26.36 -0.55
C ARG B 128 10.05 24.88 -0.92
N ALA B 129 9.15 24.45 -1.80
CA ALA B 129 9.12 23.06 -2.21
C ALA B 129 10.41 22.68 -2.94
N GLU B 130 10.88 23.55 -3.81
CA GLU B 130 12.12 23.28 -4.54
C GLU B 130 13.29 23.12 -3.57
N ILE B 131 13.49 24.09 -2.69
CA ILE B 131 14.60 23.99 -1.76
C ILE B 131 14.42 22.78 -0.84
N GLN B 132 13.19 22.47 -0.44
CA GLN B 132 12.99 21.41 0.53
C GLN B 132 13.21 20.04 -0.11
N ILE B 133 12.95 19.94 -1.42
CA ILE B 133 13.34 18.73 -2.14
C ILE B 133 14.84 18.62 -2.19
N ARG B 134 15.54 19.75 -2.32
CA ARG B 134 16.99 19.71 -2.21
C ARG B 134 17.42 19.13 -0.87
N ILE B 135 16.80 19.60 0.23
CA ILE B 135 17.10 19.02 1.54
C ILE B 135 16.78 17.53 1.59
N GLU B 136 15.65 17.11 1.02
CA GLU B 136 15.28 15.70 1.09
C GLU B 136 16.31 14.83 0.37
N ALA B 137 16.73 15.24 -0.83
CA ALA B 137 17.74 14.49 -1.56
C ALA B 137 19.05 14.46 -0.79
N ASN B 138 19.45 15.60 -0.23
CA ASN B 138 20.70 15.66 0.50
C ASN B 138 20.66 14.79 1.75
N GLU B 139 19.53 14.78 2.46
CA GLU B 139 19.40 13.94 3.65
C GLU B 139 19.47 12.47 3.29
N ALA B 140 18.76 12.06 2.23
CA ALA B 140 18.82 10.66 1.83
C ALA B 140 20.24 10.27 1.41
N LEU B 141 20.92 11.16 0.70
CA LEU B 141 22.29 10.89 0.29
C LEU B 141 23.22 10.79 1.50
N VAL B 142 23.05 11.66 2.49
CA VAL B 142 23.90 11.63 3.66
C VAL B 142 23.68 10.35 4.45
N LYS B 143 22.40 9.98 4.65
CA LYS B 143 22.11 8.71 5.29
C LYS B 143 22.70 7.55 4.51
N ALA B 144 22.74 7.66 3.18
CA ALA B 144 23.39 6.64 2.36
C ALA B 144 24.88 6.59 2.64
N LEU B 145 25.48 7.68 3.12
CA LEU B 145 26.90 7.74 3.38
C LEU B 145 27.22 7.98 4.85
N GLU B 146 26.20 8.01 5.72
CA GLU B 146 26.41 8.11 7.15
C GLU B 146 25.48 7.18 7.92
N VAL C 1 -0.22 12.27 -2.58
CA VAL C 1 0.15 13.60 -3.03
C VAL C 1 1.23 14.19 -2.12
N ALA C 2 2.36 14.57 -2.72
CA ALA C 2 3.50 15.11 -2.00
C ALA C 2 3.50 16.63 -2.08
N TYR C 3 4.29 17.24 -1.20
CA TYR C 3 4.24 18.69 -0.99
C TYR C 3 4.54 19.50 -2.23
N TRP C 4 5.24 18.94 -3.20
CA TRP C 4 5.49 19.65 -4.45
C TRP C 4 4.30 19.61 -5.39
N ARG C 5 3.36 18.68 -5.18
CA ARG C 5 2.17 18.65 -6.00
C ARG C 5 1.18 19.74 -5.59
N GLN C 6 1.08 20.03 -4.29
CA GLN C 6 0.33 21.19 -3.85
C GLN C 6 0.94 22.49 -4.37
N ALA C 7 2.27 22.59 -4.33
CA ALA C 7 2.94 23.83 -4.68
C ALA C 7 2.82 24.15 -6.16
N GLY C 8 2.44 23.19 -6.99
CA GLY C 8 2.32 23.40 -8.41
C GLY C 8 3.50 22.91 -9.23
N LEU C 9 4.18 21.86 -8.81
CA LEU C 9 5.29 21.30 -9.54
C LEU C 9 4.89 19.98 -10.18
N SER C 10 5.73 19.51 -11.10
CA SER C 10 5.55 18.23 -11.77
C SER C 10 6.70 17.31 -11.39
N TYR C 11 6.53 16.02 -11.70
CA TYR C 11 7.60 15.08 -11.43
C TYR C 11 8.86 15.37 -12.24
N ILE C 12 8.73 16.12 -13.34
CA ILE C 12 9.92 16.51 -14.10
C ILE C 12 10.78 17.44 -13.28
N ARG C 13 10.17 18.44 -12.63
CA ARG C 13 10.96 19.35 -11.79
C ARG C 13 11.54 18.62 -10.59
N TYR C 14 10.76 17.71 -9.99
CA TYR C 14 11.28 16.90 -8.90
C TYR C 14 12.51 16.13 -9.34
N SER C 15 12.43 15.50 -10.52
CA SER C 15 13.55 14.72 -11.02
C SER C 15 14.75 15.61 -11.32
N GLN C 16 14.52 16.78 -11.91
CA GLN C 16 15.62 17.71 -12.19
C GLN C 16 16.30 18.13 -10.90
N ILE C 17 15.52 18.47 -9.88
CA ILE C 17 16.08 18.97 -8.64
C ILE C 17 16.87 17.89 -7.93
N CYS C 18 16.31 16.67 -7.84
CA CYS C 18 17.04 15.58 -7.21
C CYS C 18 18.30 15.25 -7.99
N ALA C 19 18.23 15.27 -9.32
CA ALA C 19 19.41 14.99 -10.13
C ALA C 19 20.50 16.02 -9.90
N LYS C 20 20.13 17.31 -9.84
CA LYS C 20 21.11 18.36 -9.59
C LYS C 20 21.70 18.23 -8.19
N ALA C 21 20.87 17.94 -7.20
CA ALA C 21 21.37 17.78 -5.84
C ALA C 21 22.29 16.56 -5.73
N VAL C 22 22.12 15.59 -6.61
CA VAL C 22 23.12 14.53 -6.70
C VAL C 22 24.36 15.04 -7.42
N ARG C 23 24.17 15.85 -8.47
CA ARG C 23 25.29 16.41 -9.22
C ARG C 23 26.30 17.07 -8.29
N ASP C 24 25.80 17.92 -7.39
CA ASP C 24 26.71 18.74 -6.60
C ASP C 24 27.53 17.92 -5.61
N ALA C 25 27.20 16.65 -5.41
CA ALA C 25 27.87 15.80 -4.43
C ALA C 25 28.84 14.82 -5.07
N LEU C 26 29.11 14.95 -6.36
CA LEU C 26 30.08 14.07 -6.99
C LEU C 26 31.50 14.41 -6.55
N LYS C 27 32.37 13.41 -6.64
CA LYS C 27 33.79 13.66 -6.48
C LYS C 27 34.27 14.60 -7.58
N THR C 28 35.02 15.63 -7.17
CA THR C 28 35.23 16.79 -8.04
C THR C 28 35.82 16.41 -9.39
N GLU C 29 36.54 15.30 -9.48
CA GLU C 29 37.01 14.82 -10.77
C GLU C 29 35.84 14.35 -11.63
N PHE C 30 34.86 13.68 -11.02
CA PHE C 30 33.70 13.20 -11.75
C PHE C 30 32.72 14.29 -12.12
N LYS C 31 32.64 15.36 -11.32
CA LYS C 31 31.80 16.49 -11.68
C LYS C 31 32.23 17.10 -13.01
N ALA C 32 33.52 17.00 -13.34
CA ALA C 32 34.03 17.60 -14.57
C ALA C 32 33.34 17.02 -15.80
N ASN C 33 33.31 15.69 -15.90
CA ASN C 33 32.69 15.05 -17.05
C ASN C 33 31.22 14.70 -16.82
N ALA C 34 30.69 14.95 -15.63
CA ALA C 34 29.24 14.89 -15.47
C ALA C 34 28.59 16.23 -15.78
N MET C 35 29.35 17.32 -15.77
CA MET C 35 28.82 18.61 -16.19
C MET C 35 28.49 18.60 -17.67
N LYS C 36 29.44 18.17 -18.49
CA LYS C 36 29.16 17.97 -19.91
C LYS C 36 28.05 16.94 -20.06
N THR C 37 27.16 17.19 -21.02
CA THR C 37 25.94 16.39 -21.21
C THR C 37 25.07 16.41 -19.95
N SER C 38 24.92 17.59 -19.35
CA SER C 38 23.94 17.78 -18.29
C SER C 38 23.26 19.14 -18.38
N GLY C 39 23.36 19.83 -19.53
CA GLY C 39 22.77 21.14 -19.67
C GLY C 39 21.42 21.11 -20.35
N SER C 40 20.87 22.32 -20.55
CA SER C 40 19.56 22.50 -21.19
C SER C 40 19.70 23.66 -22.18
N THR C 41 20.01 23.31 -23.43
CA THR C 41 20.36 24.29 -24.45
C THR C 41 19.22 24.60 -25.41
N ILE C 42 18.00 24.18 -25.10
CA ILE C 42 16.87 24.41 -25.98
C ILE C 42 16.29 25.79 -25.71
N LYS C 43 16.02 26.53 -26.78
CA LYS C 43 15.46 27.87 -26.70
C LYS C 43 14.01 27.82 -27.16
N ILE C 44 13.12 28.47 -26.43
CA ILE C 44 11.70 28.42 -26.69
C ILE C 44 11.27 29.69 -27.41
N VAL C 45 10.46 29.54 -28.45
CA VAL C 45 9.85 30.67 -29.14
C VAL C 45 8.33 30.55 -29.05
N LYS C 46 7.68 31.61 -28.62
CA LYS C 46 6.24 31.58 -28.36
C LYS C 46 5.48 31.81 -29.67
N VAL C 47 4.18 32.01 -29.57
CA VAL C 47 3.33 32.26 -30.73
C VAL C 47 2.82 33.69 -30.72
N ASP D 1 -30.30 -33.35 41.38
CA ASP D 1 -28.87 -33.07 41.36
C ASP D 1 -28.59 -31.79 40.58
N ILE D 2 -27.63 -31.00 41.07
CA ILE D 2 -27.24 -29.77 40.40
C ILE D 2 -26.33 -30.02 39.20
N ASP D 3 -25.87 -31.25 39.00
CA ASP D 3 -24.95 -31.54 37.91
C ASP D 3 -25.54 -31.21 36.55
N THR D 4 -26.87 -31.28 36.41
CA THR D 4 -27.50 -30.82 35.17
C THR D 4 -27.31 -29.32 34.99
N ALA D 5 -27.45 -28.56 36.06
CA ALA D 5 -27.20 -27.12 36.00
C ALA D 5 -25.77 -26.83 35.61
N ALA D 6 -24.83 -27.56 36.19
CA ALA D 6 -23.43 -27.39 35.84
C ALA D 6 -23.20 -27.71 34.37
N LYS D 7 -23.78 -28.80 33.89
CA LYS D 7 -23.61 -29.17 32.49
C LYS D 7 -24.16 -28.09 31.57
N PHE D 8 -25.33 -27.55 31.89
CA PHE D 8 -25.94 -26.53 31.03
C PHE D 8 -25.10 -25.26 31.02
N ILE D 9 -24.65 -24.81 32.20
CA ILE D 9 -23.85 -23.58 32.24
C ILE D 9 -22.53 -23.79 31.52
N GLY D 10 -21.90 -24.96 31.71
CA GLY D 10 -20.65 -25.23 31.03
C GLY D 10 -20.80 -25.31 29.53
N ALA D 11 -21.88 -25.91 29.05
CA ALA D 11 -22.13 -25.98 27.62
C ALA D 11 -22.36 -24.59 27.03
N GLY D 12 -23.14 -23.77 27.71
CA GLY D 12 -23.33 -22.40 27.24
C GLY D 12 -22.04 -21.60 27.27
N ALA D 13 -21.18 -21.88 28.24
CA ALA D 13 -19.93 -21.12 28.38
C ALA D 13 -18.91 -21.54 27.34
N ALA D 14 -18.83 -22.83 27.04
CA ALA D 14 -17.80 -23.29 26.10
C ALA D 14 -18.02 -22.75 24.69
N THR D 15 -19.27 -22.68 24.25
CA THR D 15 -19.57 -22.44 22.85
C THR D 15 -19.25 -21.02 22.39
N VAL D 16 -18.91 -20.10 23.28
CA VAL D 16 -18.48 -18.79 22.82
C VAL D 16 -17.14 -18.89 22.11
N GLY D 17 -16.41 -19.98 22.30
CA GLY D 17 -15.17 -20.18 21.58
C GLY D 17 -15.33 -20.18 20.08
N VAL D 18 -16.54 -20.42 19.58
CA VAL D 18 -16.82 -20.31 18.15
C VAL D 18 -16.77 -18.86 17.69
N ALA D 19 -16.77 -17.90 18.62
CA ALA D 19 -16.56 -16.51 18.22
C ALA D 19 -15.18 -16.33 17.59
N GLY D 20 -14.18 -17.01 18.13
CA GLY D 20 -12.86 -16.97 17.52
C GLY D 20 -12.85 -17.55 16.13
N SER D 21 -13.60 -18.63 15.92
CA SER D 21 -13.68 -19.20 14.59
C SER D 21 -14.38 -18.25 13.62
N GLY D 22 -15.43 -17.57 14.09
CA GLY D 22 -16.09 -16.60 13.25
C GLY D 22 -15.17 -15.46 12.84
N ALA D 23 -14.45 -14.90 13.81
CA ALA D 23 -13.52 -13.81 13.49
C ALA D 23 -12.41 -14.30 12.58
N GLY D 24 -11.87 -15.49 12.85
CA GLY D 24 -10.80 -16.01 12.02
C GLY D 24 -11.22 -16.28 10.60
N ILE D 25 -12.40 -16.87 10.41
CA ILE D 25 -12.90 -17.12 9.07
C ILE D 25 -13.16 -15.81 8.35
N GLY D 26 -13.76 -14.83 9.03
CA GLY D 26 -13.96 -13.54 8.41
C GLY D 26 -12.65 -12.93 7.95
N THR D 27 -11.63 -12.98 8.80
CA THR D 27 -10.33 -12.40 8.44
C THR D 27 -9.67 -13.17 7.30
N VAL D 28 -9.73 -14.51 7.33
CA VAL D 28 -9.10 -15.30 6.27
C VAL D 28 -9.76 -15.00 4.93
N PHE D 29 -11.09 -15.01 4.89
CA PHE D 29 -11.71 -14.79 3.59
C PHE D 29 -11.64 -13.34 3.15
N GLY D 30 -11.60 -12.40 4.10
CA GLY D 30 -11.35 -11.02 3.72
C GLY D 30 -9.98 -10.84 3.11
N SER D 31 -8.96 -11.44 3.72
CA SER D 31 -7.63 -11.36 3.13
C SER D 31 -7.57 -12.12 1.82
N LEU D 32 -8.34 -13.18 1.66
CA LEU D 32 -8.40 -13.86 0.37
C LEU D 32 -8.97 -12.95 -0.70
N ILE D 33 -10.03 -12.22 -0.38
CA ILE D 33 -10.60 -11.27 -1.33
C ILE D 33 -9.59 -10.21 -1.69
N ILE D 34 -8.92 -9.65 -0.68
CA ILE D 34 -7.96 -8.58 -0.96
C ILE D 34 -6.79 -9.10 -1.78
N GLY D 35 -6.25 -10.26 -1.42
CA GLY D 35 -5.14 -10.82 -2.17
C GLY D 35 -5.50 -11.23 -3.58
N TYR D 36 -6.73 -11.70 -3.79
CA TYR D 36 -7.15 -12.04 -5.14
C TYR D 36 -7.35 -10.80 -5.97
N ALA D 37 -7.89 -9.73 -5.39
CA ALA D 37 -8.05 -8.49 -6.13
C ALA D 37 -6.70 -7.86 -6.44
N ARG D 38 -5.73 -8.01 -5.55
CA ARG D 38 -4.41 -7.42 -5.79
C ARG D 38 -3.63 -8.21 -6.83
N ASN D 39 -3.97 -9.47 -7.03
CA ASN D 39 -3.19 -10.30 -7.94
C ASN D 39 -4.02 -11.49 -8.39
N PRO D 40 -4.85 -11.35 -9.42
CA PRO D 40 -5.74 -12.45 -9.82
C PRO D 40 -5.02 -13.66 -10.38
N SER D 41 -3.75 -13.55 -10.77
CA SER D 41 -3.08 -14.62 -11.50
C SER D 41 -2.72 -15.82 -10.64
N LEU D 42 -3.02 -15.80 -9.34
CA LEU D 42 -2.66 -16.91 -8.48
C LEU D 42 -3.83 -17.46 -7.68
N M3L D 43 -5.03 -17.31 -8.24
CA M3L D 43 -6.21 -17.78 -7.59
CB M3L D 43 -7.47 -17.20 -8.26
CG M3L D 43 -8.67 -17.17 -7.35
CD M3L D 43 -9.85 -17.81 -8.04
CE M3L D 43 -10.07 -17.16 -9.39
NZ M3L D 43 -11.21 -17.66 -10.26
C M3L D 43 -6.37 -19.30 -7.54
O M3L D 43 -7.41 -19.86 -7.88
CM1 M3L D 43 -11.02 -19.09 -10.63
CM2 M3L D 43 -11.33 -16.83 -11.49
CM3 M3L D 43 -12.47 -17.52 -9.47
N GLN D 44 -5.32 -20.00 -7.12
CA GLN D 44 -5.48 -21.44 -6.98
C GLN D 44 -4.60 -21.74 -5.78
N GLN D 45 -3.60 -20.89 -5.60
CA GLN D 45 -2.75 -20.91 -4.42
C GLN D 45 -3.28 -20.01 -3.34
N LEU D 46 -3.84 -18.86 -3.72
CA LEU D 46 -4.60 -18.08 -2.75
C LEU D 46 -5.74 -18.93 -2.20
N PHE D 47 -6.41 -19.69 -3.06
CA PHE D 47 -7.53 -20.51 -2.59
C PHE D 47 -7.07 -21.72 -1.79
N SER D 48 -5.95 -22.35 -2.16
CA SER D 48 -5.40 -23.41 -1.32
C SER D 48 -5.10 -22.90 0.08
N TYR D 49 -4.43 -21.75 0.18
CA TYR D 49 -4.12 -21.21 1.49
C TYR D 49 -5.37 -20.79 2.24
N ALA D 50 -6.39 -20.30 1.53
CA ALA D 50 -7.64 -19.95 2.19
C ALA D 50 -8.32 -21.18 2.81
N ILE D 51 -8.37 -22.28 2.06
CA ILE D 51 -9.01 -23.47 2.62
C ILE D 51 -8.14 -24.08 3.72
N LEU D 52 -6.82 -23.89 3.65
CA LEU D 52 -5.96 -24.36 4.73
C LEU D 52 -6.22 -23.58 6.02
N GLY D 53 -6.35 -22.26 5.91
CA GLY D 53 -6.73 -21.46 7.05
C GLY D 53 -8.10 -21.81 7.58
N PHE D 54 -9.05 -22.07 6.66
CA PHE D 54 -10.31 -22.69 7.04
C PHE D 54 -10.12 -23.91 7.93
N ALA D 55 -9.34 -24.88 7.47
CA ALA D 55 -9.19 -26.10 8.24
C ALA D 55 -8.59 -25.80 9.62
N LEU D 56 -7.56 -24.96 9.66
CA LEU D 56 -6.88 -24.72 10.92
C LEU D 56 -7.70 -23.88 11.89
N SER D 57 -8.69 -23.14 11.40
CA SER D 57 -9.59 -22.44 12.32
C SER D 57 -10.78 -23.30 12.75
N GLU D 58 -11.37 -24.03 11.81
CA GLU D 58 -12.47 -24.91 12.18
C GLU D 58 -12.01 -26.04 13.07
N ALA D 59 -10.71 -26.39 13.06
CA ALA D 59 -10.23 -27.40 13.98
C ALA D 59 -10.50 -27.00 15.42
N MET D 60 -10.05 -25.81 15.82
CA MET D 60 -10.27 -25.34 17.18
C MET D 60 -11.74 -24.98 17.41
N GLY D 61 -12.45 -24.51 16.36
CA GLY D 61 -13.87 -24.23 16.54
C GLY D 61 -14.65 -25.48 16.91
N LEU D 62 -14.44 -26.56 16.16
CA LEU D 62 -15.08 -27.82 16.50
C LEU D 62 -14.47 -28.47 17.74
N PHE D 63 -13.25 -28.13 18.12
CA PHE D 63 -12.78 -28.53 19.44
C PHE D 63 -13.62 -27.89 20.53
N CYS D 64 -13.92 -26.59 20.40
CA CYS D 64 -14.79 -25.94 21.37
C CYS D 64 -16.18 -26.58 21.39
N LEU D 65 -16.76 -26.83 20.20
CA LEU D 65 -18.08 -27.44 20.16
C LEU D 65 -18.08 -28.85 20.74
N MET D 66 -17.06 -29.65 20.44
CA MET D 66 -17.03 -31.02 20.94
C MET D 66 -16.77 -31.04 22.44
N VAL D 67 -15.99 -30.09 22.96
CA VAL D 67 -15.85 -29.99 24.41
C VAL D 67 -17.17 -29.60 25.06
N ALA D 68 -17.93 -28.71 24.41
CA ALA D 68 -19.24 -28.35 24.93
C ALA D 68 -20.15 -29.57 25.00
N PHE D 69 -20.23 -30.33 23.91
CA PHE D 69 -21.09 -31.52 23.92
C PHE D 69 -20.58 -32.56 24.91
N LEU D 70 -19.27 -32.75 25.00
CA LEU D 70 -18.72 -33.67 25.99
C LEU D 70 -19.12 -33.25 27.40
N ILE D 71 -19.13 -31.95 27.67
CA ILE D 71 -19.63 -31.46 28.95
C ILE D 71 -21.10 -31.84 29.10
N LEU D 72 -21.89 -31.66 28.05
CA LEU D 72 -23.28 -32.13 28.10
C LEU D 72 -23.37 -33.65 28.12
N PHE D 73 -22.35 -34.36 27.67
CA PHE D 73 -22.41 -35.81 27.49
C PHE D 73 -21.35 -36.52 28.33
N ALA D 74 -20.98 -35.92 29.46
CA ALA D 74 -19.96 -36.52 30.33
C ALA D 74 -20.57 -37.59 31.23
N ASP E 1 -37.95 -23.35 39.18
CA ASP E 1 -37.08 -24.51 39.13
C ASP E 1 -35.63 -24.09 38.98
N ILE E 2 -34.73 -24.81 39.66
CA ILE E 2 -33.31 -24.55 39.52
C ILE E 2 -32.84 -24.91 38.12
N ASP E 3 -33.39 -25.97 37.54
CA ASP E 3 -32.96 -26.42 36.22
C ASP E 3 -33.48 -25.53 35.11
N THR E 4 -34.70 -25.00 35.24
CA THR E 4 -35.16 -23.99 34.29
C THR E 4 -34.29 -22.75 34.36
N ALA E 5 -33.89 -22.36 35.58
CA ALA E 5 -32.96 -21.23 35.73
C ALA E 5 -31.64 -21.53 35.04
N ALA E 6 -31.08 -22.71 35.27
CA ALA E 6 -29.81 -23.06 34.66
C ALA E 6 -29.92 -23.08 33.14
N LYS E 7 -31.05 -23.56 32.63
CA LYS E 7 -31.27 -23.55 31.19
C LYS E 7 -31.28 -22.12 30.65
N PHE E 8 -31.93 -21.21 31.37
CA PHE E 8 -31.98 -19.82 30.91
C PHE E 8 -30.59 -19.19 30.88
N ILE E 9 -29.81 -19.33 31.96
CA ILE E 9 -28.49 -18.71 31.96
C ILE E 9 -27.55 -19.42 30.99
N GLY E 10 -27.72 -20.73 30.81
CA GLY E 10 -26.90 -21.44 29.85
C GLY E 10 -27.17 -21.02 28.42
N ALA E 11 -28.44 -20.80 28.08
CA ALA E 11 -28.78 -20.25 26.77
C ALA E 11 -28.21 -18.85 26.60
N GLY E 12 -28.30 -18.03 27.65
CA GLY E 12 -27.69 -16.71 27.59
C GLY E 12 -26.20 -16.78 27.35
N ALA E 13 -25.53 -17.75 27.96
CA ALA E 13 -24.10 -17.94 27.75
C ALA E 13 -23.80 -18.44 26.35
N ALA E 14 -24.67 -19.29 25.80
CA ALA E 14 -24.47 -19.75 24.43
C ALA E 14 -24.70 -18.66 23.41
N THR E 15 -25.52 -17.65 23.74
CA THR E 15 -25.80 -16.59 22.78
C THR E 15 -24.58 -15.75 22.42
N VAL E 16 -23.60 -15.62 23.31
CA VAL E 16 -22.50 -14.69 23.05
C VAL E 16 -21.55 -15.16 21.98
N GLY E 17 -21.75 -16.35 21.42
CA GLY E 17 -20.92 -16.80 20.32
C GLY E 17 -21.23 -16.12 19.01
N VAL E 18 -22.34 -15.38 18.95
CA VAL E 18 -22.73 -14.69 17.72
C VAL E 18 -21.83 -13.49 17.44
N ALA E 19 -21.19 -12.94 18.48
CA ALA E 19 -20.37 -11.74 18.29
C ALA E 19 -19.20 -12.00 17.36
N GLY E 20 -18.54 -13.14 17.49
CA GLY E 20 -17.41 -13.43 16.64
C GLY E 20 -17.80 -13.54 15.17
N SER E 21 -18.93 -14.19 14.90
CA SER E 21 -19.38 -14.28 13.52
C SER E 21 -19.82 -12.92 12.99
N GLY E 22 -20.39 -12.07 13.85
CA GLY E 22 -20.71 -10.72 13.41
C GLY E 22 -19.47 -9.94 13.03
N ALA E 23 -18.42 -10.05 13.84
CA ALA E 23 -17.16 -9.39 13.52
C ALA E 23 -16.57 -9.95 12.23
N GLY E 24 -16.66 -11.27 12.04
CA GLY E 24 -16.16 -11.86 10.82
C GLY E 24 -16.89 -11.37 9.59
N ILE E 25 -18.21 -11.25 9.67
CA ILE E 25 -18.99 -10.73 8.55
C ILE E 25 -18.60 -9.29 8.27
N GLY E 26 -18.44 -8.47 9.31
CA GLY E 26 -17.97 -7.12 9.10
C GLY E 26 -16.63 -7.08 8.39
N THR E 27 -15.70 -7.93 8.82
CA THR E 27 -14.37 -7.97 8.20
C THR E 27 -14.46 -8.39 6.74
N VAL E 28 -15.27 -9.41 6.44
CA VAL E 28 -15.33 -9.91 5.07
C VAL E 28 -15.96 -8.88 4.14
N PHE E 29 -16.97 -8.16 4.61
CA PHE E 29 -17.54 -7.12 3.74
C PHE E 29 -16.62 -5.93 3.62
N GLY E 30 -15.87 -5.60 4.68
CA GLY E 30 -14.89 -4.55 4.56
C GLY E 30 -13.81 -4.89 3.56
N SER E 31 -13.32 -6.13 3.58
CA SER E 31 -12.31 -6.51 2.62
C SER E 31 -12.88 -6.64 1.22
N LEU E 32 -14.16 -6.98 1.09
CA LEU E 32 -14.79 -6.92 -0.23
C LEU E 32 -14.80 -5.50 -0.77
N ILE E 33 -15.10 -4.52 0.09
CA ILE E 33 -15.04 -3.13 -0.35
C ILE E 33 -13.63 -2.77 -0.77
N ILE E 34 -12.63 -3.18 0.01
CA ILE E 34 -11.23 -2.89 -0.32
C ILE E 34 -10.88 -3.47 -1.69
N GLY E 35 -11.19 -4.76 -1.89
CA GLY E 35 -10.84 -5.40 -3.14
C GLY E 35 -11.54 -4.78 -4.33
N TYR E 36 -12.82 -4.42 -4.16
CA TYR E 36 -13.53 -3.76 -5.25
C TYR E 36 -12.86 -2.43 -5.58
N ALA E 37 -12.50 -1.65 -4.56
CA ALA E 37 -11.82 -0.38 -4.80
C ALA E 37 -10.45 -0.58 -5.43
N ARG E 38 -9.88 -1.78 -5.32
CA ARG E 38 -8.60 -2.07 -5.94
C ARG E 38 -8.74 -2.59 -7.37
N ASN E 39 -9.60 -3.58 -7.59
CA ASN E 39 -9.75 -4.24 -8.88
C ASN E 39 -11.21 -4.29 -9.28
N PRO E 40 -11.77 -3.15 -9.71
CA PRO E 40 -13.20 -3.13 -10.05
C PRO E 40 -13.58 -4.00 -11.24
N SER E 41 -12.62 -4.34 -12.10
CA SER E 41 -12.95 -5.15 -13.27
C SER E 41 -13.46 -6.53 -12.88
N LEU E 42 -12.85 -7.15 -11.88
CA LEU E 42 -13.28 -8.46 -11.41
C LEU E 42 -14.70 -8.40 -10.87
N M3L E 43 -14.84 -7.76 -9.70
CA M3L E 43 -16.13 -7.56 -9.08
CB M3L E 43 -17.02 -6.63 -9.93
CG M3L E 43 -18.29 -6.30 -9.19
CD M3L E 43 -19.08 -5.28 -9.98
CE M3L E 43 -20.53 -5.32 -9.52
NZ M3L E 43 -21.43 -4.19 -9.99
C M3L E 43 -16.97 -8.80 -8.80
O M3L E 43 -17.38 -9.08 -7.68
CM1 M3L E 43 -21.16 -3.88 -11.43
CM2 M3L E 43 -21.26 -2.98 -9.16
CM3 M3L E 43 -22.84 -4.66 -9.87
N GLN E 44 -17.25 -9.57 -9.84
CA GLN E 44 -18.11 -10.73 -9.73
C GLN E 44 -17.47 -11.81 -8.86
N GLN E 45 -16.19 -12.08 -9.06
CA GLN E 45 -15.53 -13.09 -8.25
C GLN E 45 -15.30 -12.59 -6.83
N LEU E 46 -15.02 -11.29 -6.67
CA LEU E 46 -14.96 -10.71 -5.34
C LEU E 46 -16.28 -10.91 -4.60
N PHE E 47 -17.40 -10.68 -5.28
CA PHE E 47 -18.69 -10.86 -4.62
C PHE E 47 -19.00 -12.33 -4.37
N SER E 48 -18.56 -13.23 -5.25
CA SER E 48 -18.74 -14.65 -4.99
C SER E 48 -18.00 -15.07 -3.72
N TYR E 49 -16.74 -14.65 -3.59
CA TYR E 49 -15.98 -14.97 -2.38
C TYR E 49 -16.57 -14.28 -1.16
N ALA E 50 -17.10 -13.07 -1.32
CA ALA E 50 -17.67 -12.35 -0.18
C ALA E 50 -18.97 -13.00 0.28
N ILE E 51 -19.81 -13.46 -0.64
CA ILE E 51 -21.03 -14.16 -0.24
C ILE E 51 -20.67 -15.50 0.38
N LEU E 52 -19.62 -16.16 -0.11
CA LEU E 52 -19.14 -17.38 0.56
C LEU E 52 -18.76 -17.08 1.99
N GLY E 53 -17.99 -16.01 2.20
CA GLY E 53 -17.58 -15.67 3.55
C GLY E 53 -18.74 -15.31 4.45
N PHE E 54 -19.67 -14.50 3.95
CA PHE E 54 -20.82 -14.11 4.74
C PHE E 54 -21.66 -15.33 5.15
N ALA E 55 -22.04 -16.15 4.17
CA ALA E 55 -22.83 -17.33 4.48
C ALA E 55 -22.09 -18.26 5.42
N LEU E 56 -20.77 -18.38 5.25
CA LEU E 56 -20.03 -19.39 5.99
C LEU E 56 -19.72 -18.95 7.43
N SER E 57 -19.55 -17.65 7.67
CA SER E 57 -19.45 -17.17 9.06
C SER E 57 -20.81 -17.14 9.74
N GLU E 58 -21.85 -16.78 8.98
CA GLU E 58 -23.21 -16.94 9.51
C GLU E 58 -23.49 -18.39 9.88
N ALA E 59 -22.84 -19.34 9.19
CA ALA E 59 -22.99 -20.73 9.58
C ALA E 59 -22.54 -20.96 11.02
N MET E 60 -21.40 -20.39 11.41
CA MET E 60 -20.91 -20.61 12.77
C MET E 60 -21.73 -19.83 13.78
N GLY E 61 -22.14 -18.61 13.42
CA GLY E 61 -23.06 -17.88 14.29
C GLY E 61 -24.35 -18.66 14.55
N LEU E 62 -24.89 -19.27 13.50
CA LEU E 62 -26.09 -20.07 13.65
C LEU E 62 -25.81 -21.36 14.40
N PHE E 63 -24.59 -21.89 14.32
CA PHE E 63 -24.24 -23.02 15.18
C PHE E 63 -24.32 -22.63 16.64
N CYS E 64 -23.80 -21.45 16.98
CA CYS E 64 -23.93 -20.97 18.35
C CYS E 64 -25.40 -20.80 18.74
N LEU E 65 -26.20 -20.23 17.85
CA LEU E 65 -27.62 -20.00 18.17
C LEU E 65 -28.38 -21.31 18.29
N MET E 66 -28.02 -22.32 17.49
CA MET E 66 -28.62 -23.64 17.62
C MET E 66 -28.24 -24.30 18.94
N VAL E 67 -27.00 -24.10 19.37
CA VAL E 67 -26.62 -24.60 20.70
C VAL E 67 -27.48 -23.94 21.77
N ALA E 68 -27.71 -22.64 21.64
CA ALA E 68 -28.55 -21.94 22.61
C ALA E 68 -29.97 -22.52 22.61
N PHE E 69 -30.55 -22.73 21.43
CA PHE E 69 -31.90 -23.25 21.36
C PHE E 69 -31.99 -24.70 21.82
N LEU E 70 -30.91 -25.46 21.68
CA LEU E 70 -30.86 -26.80 22.25
C LEU E 70 -30.83 -26.74 23.77
N ILE E 71 -30.05 -25.80 24.33
CA ILE E 71 -30.04 -25.61 25.77
C ILE E 71 -31.43 -25.26 26.26
N LEU E 72 -32.15 -24.44 25.49
CA LEU E 72 -33.46 -23.98 25.95
C LEU E 72 -34.52 -25.08 25.94
N PHE E 73 -34.50 -25.99 24.98
CA PHE E 73 -35.60 -26.92 24.78
C PHE E 73 -35.10 -28.36 24.63
N ALA E 74 -34.18 -28.77 25.50
CA ALA E 74 -33.69 -30.15 25.50
C ALA E 74 -32.98 -30.46 26.80
N ASP F 1 -37.60 -14.63 43.79
CA ASP F 1 -37.94 -15.79 42.99
C ASP F 1 -36.73 -16.20 42.14
N ILE F 2 -36.73 -17.45 41.66
CA ILE F 2 -35.58 -17.92 40.89
C ILE F 2 -35.80 -17.66 39.40
N ASP F 3 -37.04 -17.82 38.91
CA ASP F 3 -37.33 -17.52 37.52
C ASP F 3 -37.00 -16.07 37.18
N THR F 4 -37.49 -15.14 38.01
CA THR F 4 -37.24 -13.72 37.78
C THR F 4 -35.78 -13.35 38.01
N ALA F 5 -34.98 -14.25 38.57
CA ALA F 5 -33.54 -14.05 38.68
C ALA F 5 -32.80 -14.60 37.47
N ALA F 6 -33.17 -15.82 37.06
CA ALA F 6 -32.54 -16.44 35.90
C ALA F 6 -32.80 -15.63 34.64
N LYS F 7 -34.02 -15.09 34.50
CA LYS F 7 -34.31 -14.30 33.31
C LYS F 7 -33.41 -13.07 33.24
N PHE F 8 -33.20 -12.39 34.37
CA PHE F 8 -32.32 -11.23 34.40
C PHE F 8 -30.89 -11.62 34.02
N ILE F 9 -30.38 -12.69 34.62
CA ILE F 9 -29.00 -13.08 34.35
C ILE F 9 -28.84 -13.48 32.89
N GLY F 10 -29.81 -14.22 32.36
CA GLY F 10 -29.73 -14.64 30.98
C GLY F 10 -29.80 -13.48 30.01
N ALA F 11 -30.67 -12.51 30.27
CA ALA F 11 -30.74 -11.33 29.41
C ALA F 11 -29.43 -10.56 29.44
N GLY F 12 -28.84 -10.40 30.63
CA GLY F 12 -27.56 -9.74 30.72
C GLY F 12 -26.48 -10.46 29.94
N ALA F 13 -26.49 -11.80 29.98
CA ALA F 13 -25.52 -12.56 29.19
C ALA F 13 -25.82 -12.50 27.70
N ALA F 14 -27.10 -12.40 27.33
CA ALA F 14 -27.49 -12.47 25.93
C ALA F 14 -27.22 -11.17 25.18
N THR F 15 -27.41 -10.03 25.85
CA THR F 15 -27.24 -8.77 25.11
C THR F 15 -25.78 -8.47 24.78
N VAL F 16 -24.84 -9.35 25.12
CA VAL F 16 -23.44 -9.10 24.82
C VAL F 16 -23.17 -9.19 23.32
N GLY F 17 -23.81 -10.15 22.65
CA GLY F 17 -23.43 -10.51 21.29
C GLY F 17 -23.41 -9.36 20.31
N VAL F 18 -24.16 -8.29 20.58
CA VAL F 18 -24.16 -7.14 19.69
C VAL F 18 -22.84 -6.37 19.75
N ALA F 19 -21.94 -6.73 20.66
CA ALA F 19 -20.57 -6.28 20.55
C ALA F 19 -19.96 -6.70 19.23
N GLY F 20 -20.28 -7.91 18.78
CA GLY F 20 -19.81 -8.35 17.48
C GLY F 20 -20.31 -7.47 16.36
N SER F 21 -21.59 -7.08 16.41
CA SER F 21 -22.11 -6.18 15.39
C SER F 21 -21.44 -4.82 15.47
N GLY F 22 -21.17 -4.32 16.67
CA GLY F 22 -20.46 -3.05 16.79
C GLY F 22 -19.09 -3.10 16.12
N ALA F 23 -18.34 -4.17 16.40
CA ALA F 23 -17.04 -4.34 15.76
C ALA F 23 -17.18 -4.48 14.25
N GLY F 24 -18.22 -5.19 13.80
CA GLY F 24 -18.44 -5.35 12.37
C GLY F 24 -18.70 -4.04 11.66
N ILE F 25 -19.56 -3.19 12.23
CA ILE F 25 -19.80 -1.88 11.62
C ILE F 25 -18.53 -1.04 11.65
N GLY F 26 -17.77 -1.12 12.73
CA GLY F 26 -16.52 -0.38 12.76
C GLY F 26 -15.58 -0.77 11.63
N THR F 27 -15.40 -2.08 11.44
CA THR F 27 -14.55 -2.56 10.35
C THR F 27 -15.11 -2.17 8.98
N VAL F 28 -16.42 -2.31 8.81
CA VAL F 28 -17.03 -2.02 7.52
C VAL F 28 -16.84 -0.55 7.15
N PHE F 29 -17.08 0.35 8.09
CA PHE F 29 -16.98 1.76 7.77
C PHE F 29 -15.53 2.21 7.62
N GLY F 30 -14.62 1.62 8.39
CA GLY F 30 -13.21 1.93 8.19
C GLY F 30 -12.73 1.49 6.81
N SER F 31 -13.13 0.29 6.38
CA SER F 31 -12.77 -0.17 5.05
C SER F 31 -13.40 0.70 3.97
N LEU F 32 -14.65 1.13 4.20
CA LEU F 32 -15.27 2.08 3.31
C LEU F 32 -14.41 3.32 3.15
N ILE F 33 -13.96 3.89 4.27
CA ILE F 33 -13.15 5.10 4.22
C ILE F 33 -11.86 4.85 3.43
N ILE F 34 -11.19 3.73 3.69
CA ILE F 34 -9.93 3.45 3.01
C ILE F 34 -10.15 3.26 1.52
N GLY F 35 -11.12 2.41 1.16
CA GLY F 35 -11.35 2.12 -0.24
C GLY F 35 -11.86 3.32 -1.03
N TYR F 36 -12.57 4.23 -0.35
CA TYR F 36 -12.97 5.46 -1.01
C TYR F 36 -11.80 6.43 -1.13
N ALA F 37 -10.88 6.43 -0.17
CA ALA F 37 -9.70 7.26 -0.29
C ALA F 37 -8.75 6.76 -1.36
N ARG F 38 -8.82 5.47 -1.70
CA ARG F 38 -7.94 4.94 -2.75
C ARG F 38 -8.45 5.30 -4.14
N ASN F 39 -9.68 4.87 -4.47
CA ASN F 39 -10.28 5.10 -5.78
C ASN F 39 -11.65 5.74 -5.54
N PRO F 40 -11.70 7.07 -5.43
CA PRO F 40 -12.96 7.70 -4.99
C PRO F 40 -14.09 7.63 -6.01
N SER F 41 -13.79 7.40 -7.29
CA SER F 41 -14.82 7.47 -8.31
C SER F 41 -15.88 6.37 -8.17
N LEU F 42 -15.60 5.33 -7.39
CA LEU F 42 -16.53 4.23 -7.23
C LEU F 42 -17.36 4.42 -5.96
N M3L F 43 -17.61 5.67 -5.62
CA M3L F 43 -18.23 6.04 -4.38
CB M3L F 43 -18.46 7.55 -4.29
CG M3L F 43 -18.31 8.02 -2.86
CD M3L F 43 -18.39 9.54 -2.81
CE M3L F 43 -19.84 9.95 -2.56
NZ M3L F 43 -20.11 11.43 -2.50
C M3L F 43 -19.57 5.38 -4.07
O M3L F 43 -19.83 4.87 -2.98
CM1 M3L F 43 -19.73 12.10 -3.78
CM2 M3L F 43 -19.39 12.07 -1.37
CM3 M3L F 43 -21.58 11.61 -2.29
N GLN F 44 -20.45 5.40 -5.05
CA GLN F 44 -21.80 4.88 -4.86
C GLN F 44 -21.78 3.37 -4.65
N GLN F 45 -20.98 2.65 -5.43
CA GLN F 45 -20.89 1.21 -5.25
C GLN F 45 -20.22 0.86 -3.92
N LEU F 46 -19.18 1.61 -3.53
CA LEU F 46 -18.55 1.40 -2.24
C LEU F 46 -19.54 1.62 -1.10
N PHE F 47 -20.37 2.66 -1.21
CA PHE F 47 -21.38 2.91 -0.19
C PHE F 47 -22.45 1.83 -0.18
N SER F 48 -22.83 1.32 -1.36
CA SER F 48 -23.78 0.21 -1.39
C SER F 48 -23.23 -1.01 -0.68
N TYR F 49 -21.97 -1.35 -0.93
CA TYR F 49 -21.36 -2.47 -0.23
C TYR F 49 -21.25 -2.19 1.27
N ALA F 50 -20.99 -0.94 1.64
CA ALA F 50 -20.88 -0.58 3.05
C ALA F 50 -22.21 -0.75 3.77
N ILE F 51 -23.30 -0.27 3.17
CA ILE F 51 -24.60 -0.41 3.82
C ILE F 51 -25.04 -1.87 3.83
N LEU F 52 -24.65 -2.63 2.80
CA LEU F 52 -24.89 -4.07 2.84
C LEU F 52 -24.23 -4.69 4.06
N GLY F 53 -22.94 -4.43 4.24
CA GLY F 53 -22.23 -5.01 5.38
C GLY F 53 -22.78 -4.53 6.71
N PHE F 54 -23.14 -3.26 6.79
CA PHE F 54 -23.70 -2.72 8.03
C PHE F 54 -25.02 -3.39 8.38
N ALA F 55 -25.94 -3.47 7.42
CA ALA F 55 -27.21 -4.15 7.68
C ALA F 55 -26.99 -5.61 8.03
N LEU F 56 -25.98 -6.25 7.43
CA LEU F 56 -25.78 -7.67 7.64
C LEU F 56 -25.04 -7.96 8.94
N SER F 57 -24.41 -6.95 9.56
CA SER F 57 -23.94 -7.10 10.94
C SER F 57 -25.04 -6.76 11.94
N GLU F 58 -25.84 -5.73 11.63
CA GLU F 58 -27.03 -5.46 12.43
C GLU F 58 -27.96 -6.64 12.46
N ALA F 59 -27.95 -7.49 11.44
CA ALA F 59 -28.79 -8.68 11.45
C ALA F 59 -28.52 -9.50 12.71
N MET F 60 -27.26 -9.84 12.97
CA MET F 60 -26.97 -10.66 14.13
C MET F 60 -26.97 -9.86 15.42
N GLY F 61 -26.66 -8.57 15.36
CA GLY F 61 -26.87 -7.74 16.55
C GLY F 61 -28.31 -7.77 17.01
N LEU F 62 -29.24 -7.59 16.07
CA LEU F 62 -30.65 -7.65 16.38
C LEU F 62 -31.09 -9.06 16.75
N PHE F 63 -30.44 -10.09 16.20
CA PHE F 63 -30.76 -11.44 16.61
C PHE F 63 -30.42 -11.67 18.08
N CYS F 64 -29.27 -11.16 18.51
CA CYS F 64 -28.92 -11.23 19.93
C CYS F 64 -29.90 -10.44 20.78
N LEU F 65 -30.27 -9.24 20.32
CA LEU F 65 -31.23 -8.45 21.07
C LEU F 65 -32.58 -9.16 21.17
N MET F 66 -32.99 -9.85 20.09
CA MET F 66 -34.28 -10.52 20.09
C MET F 66 -34.26 -11.77 20.96
N VAL F 67 -33.16 -12.53 20.99
CA VAL F 67 -33.12 -13.65 21.93
C VAL F 67 -33.12 -13.15 23.37
N ALA F 68 -32.41 -12.04 23.63
CA ALA F 68 -32.42 -11.47 24.97
C ALA F 68 -33.83 -11.05 25.38
N PHE F 69 -34.54 -10.37 24.49
CA PHE F 69 -35.89 -9.92 24.83
C PHE F 69 -36.87 -11.08 24.91
N LEU F 70 -36.68 -12.12 24.09
CA LEU F 70 -37.54 -13.29 24.16
C LEU F 70 -37.39 -13.99 25.50
N ILE F 71 -36.16 -14.12 25.99
CA ILE F 71 -35.97 -14.72 27.30
C ILE F 71 -36.50 -13.80 28.39
N LEU F 72 -36.19 -12.50 28.31
CA LEU F 72 -36.46 -11.62 29.45
C LEU F 72 -37.94 -11.29 29.58
N PHE F 73 -38.62 -10.97 28.48
CA PHE F 73 -39.98 -10.45 28.56
C PHE F 73 -41.04 -11.54 28.46
N ALA F 74 -41.07 -12.25 27.34
CA ALA F 74 -42.14 -13.19 27.07
C ALA F 74 -41.89 -14.56 27.69
N MET F 75 -40.67 -15.07 27.57
CA MET F 75 -40.36 -16.40 28.05
C MET F 75 -39.12 -16.39 28.95
N ASP G 1 -32.81 -10.22 48.75
CA ASP G 1 -33.62 -10.62 47.61
C ASP G 1 -32.73 -11.10 46.47
N ILE G 2 -32.88 -12.37 46.09
CA ILE G 2 -32.08 -12.91 45.00
C ILE G 2 -32.35 -12.17 43.70
N ASP G 3 -33.54 -11.57 43.58
CA ASP G 3 -33.86 -10.80 42.38
C ASP G 3 -32.95 -9.59 42.25
N THR G 4 -32.67 -8.90 43.35
CA THR G 4 -31.71 -7.80 43.32
C THR G 4 -30.32 -8.30 42.94
N ALA G 5 -29.92 -9.46 43.48
CA ALA G 5 -28.65 -10.06 43.12
C ALA G 5 -28.57 -10.31 41.62
N ALA G 6 -29.63 -10.87 41.05
CA ALA G 6 -29.63 -11.15 39.62
C ALA G 6 -29.67 -9.87 38.80
N LYS G 7 -30.35 -8.83 39.28
CA LYS G 7 -30.32 -7.56 38.55
C LYS G 7 -28.90 -7.02 38.48
N PHE G 8 -28.18 -7.08 39.60
CA PHE G 8 -26.79 -6.63 39.59
C PHE G 8 -25.93 -7.47 38.65
N ILE G 9 -26.06 -8.80 38.73
CA ILE G 9 -25.24 -9.66 37.89
C ILE G 9 -25.57 -9.46 36.42
N GLY G 10 -26.86 -9.30 36.10
CA GLY G 10 -27.25 -9.09 34.73
C GLY G 10 -26.76 -7.77 34.17
N ALA G 11 -26.84 -6.68 34.95
CA ALA G 11 -26.31 -5.42 34.49
C ALA G 11 -24.80 -5.50 34.28
N GLY G 12 -24.10 -6.16 35.19
CA GLY G 12 -22.66 -6.32 35.03
C GLY G 12 -22.30 -7.12 33.79
N ALA G 13 -23.01 -8.21 33.53
CA ALA G 13 -22.72 -9.00 32.35
C ALA G 13 -23.30 -8.39 31.09
N ALA G 14 -24.13 -7.35 31.21
CA ALA G 14 -24.71 -6.73 30.04
C ALA G 14 -23.90 -5.53 29.57
N THR G 15 -23.27 -4.81 30.50
CA THR G 15 -22.52 -3.63 30.08
C THR G 15 -21.25 -3.99 29.32
N VAL G 16 -20.85 -5.27 29.29
CA VAL G 16 -19.65 -5.66 28.58
C VAL G 16 -19.77 -5.50 27.07
N GLY G 17 -20.99 -5.45 26.54
CA GLY G 17 -21.18 -5.33 25.12
C GLY G 17 -20.61 -4.06 24.51
N VAL G 18 -20.29 -3.07 25.33
CA VAL G 18 -19.65 -1.85 24.82
C VAL G 18 -18.23 -2.13 24.33
N ALA G 19 -17.68 -3.31 24.62
CA ALA G 19 -16.37 -3.67 24.08
C ALA G 19 -16.39 -3.67 22.56
N GLY G 20 -17.45 -4.20 21.97
CA GLY G 20 -17.56 -4.19 20.52
C GLY G 20 -17.57 -2.79 19.95
N SER G 21 -18.31 -1.88 20.61
CA SER G 21 -18.33 -0.49 20.16
C SER G 21 -16.95 0.14 20.29
N GLY G 22 -16.23 -0.17 21.37
CA GLY G 22 -14.89 0.35 21.52
C GLY G 22 -13.97 -0.09 20.39
N ALA G 23 -13.97 -1.38 20.10
CA ALA G 23 -13.12 -1.89 19.03
C ALA G 23 -13.54 -1.32 17.69
N GLY G 24 -14.84 -1.21 17.44
CA GLY G 24 -15.30 -0.68 16.17
C GLY G 24 -14.93 0.79 15.98
N ILE G 25 -15.06 1.60 17.03
CA ILE G 25 -14.71 3.01 16.91
C ILE G 25 -13.20 3.16 16.75
N GLY G 26 -12.41 2.35 17.45
CA GLY G 26 -10.99 2.34 17.21
C GLY G 26 -10.66 2.02 15.76
N THR G 27 -11.33 1.02 15.20
CA THR G 27 -11.08 0.64 13.81
C THR G 27 -11.47 1.77 12.86
N VAL G 28 -12.59 2.44 13.12
CA VAL G 28 -13.03 3.52 12.25
C VAL G 28 -12.02 4.65 12.26
N PHE G 29 -11.55 5.06 13.44
CA PHE G 29 -10.61 6.17 13.47
C PHE G 29 -9.24 5.78 12.91
N GLY G 30 -8.82 4.53 13.12
CA GLY G 30 -7.58 4.10 12.51
C GLY G 30 -7.64 4.10 11.00
N SER G 31 -8.75 3.61 10.44
CA SER G 31 -8.88 3.62 9.00
C SER G 31 -9.07 5.03 8.46
N LEU G 32 -9.66 5.92 9.24
CA LEU G 32 -9.65 7.33 8.88
C LEU G 32 -8.22 7.84 8.75
N ILE G 33 -7.36 7.49 9.72
CA ILE G 33 -5.98 7.93 9.66
C ILE G 33 -5.30 7.41 8.41
N ILE G 34 -5.47 6.11 8.13
CA ILE G 34 -4.80 5.52 6.97
C ILE G 34 -5.30 6.15 5.68
N GLY G 35 -6.62 6.27 5.52
CA GLY G 35 -7.17 6.84 4.30
C GLY G 35 -6.76 8.28 4.10
N TYR G 36 -6.79 9.08 5.16
CA TYR G 36 -6.37 10.47 5.04
C TYR G 36 -4.88 10.56 4.73
N ALA G 37 -4.08 9.62 5.24
CA ALA G 37 -2.66 9.60 4.91
C ALA G 37 -2.44 9.32 3.44
N ARG G 38 -3.21 8.38 2.87
CA ARG G 38 -3.00 8.02 1.47
C ARG G 38 -3.22 9.21 0.54
N ASN G 39 -4.28 9.98 0.79
CA ASN G 39 -4.55 11.19 0.02
C ASN G 39 -5.24 12.24 0.89
N PRO G 40 -4.54 13.33 1.22
CA PRO G 40 -5.09 14.30 2.17
C PRO G 40 -6.01 15.32 1.55
N SER G 41 -6.34 15.19 0.26
CA SER G 41 -7.10 16.21 -0.43
C SER G 41 -8.60 16.08 -0.29
N LEU G 42 -9.10 15.01 0.34
CA LEU G 42 -10.54 14.84 0.53
C LEU G 42 -10.82 14.45 1.99
N M3L G 43 -10.03 15.08 2.85
CA M3L G 43 -10.18 15.00 4.27
CB M3L G 43 -9.23 16.00 4.96
CG M3L G 43 -9.25 15.89 6.46
CD M3L G 43 -8.37 16.96 7.07
CE M3L G 43 -9.26 18.08 7.60
NZ M3L G 43 -8.69 19.48 7.58
C M3L G 43 -11.59 15.27 4.77
O M3L G 43 -12.08 14.69 5.71
CM1 M3L G 43 -7.55 19.62 8.53
CM2 M3L G 43 -9.74 20.50 7.90
CM3 M3L G 43 -8.18 19.74 6.20
N GLN G 44 -12.27 16.18 4.07
CA GLN G 44 -13.64 16.52 4.40
C GLN G 44 -14.56 15.31 4.34
N GLN G 45 -14.59 14.66 3.18
CA GLN G 45 -15.45 13.50 3.01
C GLN G 45 -15.01 12.34 3.90
N LEU G 46 -13.69 12.15 4.05
CA LEU G 46 -13.23 11.10 4.96
C LEU G 46 -13.70 11.35 6.38
N PHE G 47 -13.63 12.60 6.84
CA PHE G 47 -14.08 12.94 8.19
C PHE G 47 -15.58 12.73 8.32
N SER G 48 -16.35 13.07 7.29
CA SER G 48 -17.79 12.85 7.36
C SER G 48 -18.12 11.37 7.51
N TYR G 49 -17.45 10.52 6.72
CA TYR G 49 -17.65 9.09 6.85
C TYR G 49 -17.24 8.59 8.24
N ALA G 50 -16.13 9.13 8.77
CA ALA G 50 -15.70 8.74 10.10
C ALA G 50 -16.73 9.12 11.15
N ILE G 51 -17.32 10.31 11.03
CA ILE G 51 -18.38 10.73 11.95
C ILE G 51 -19.54 9.76 11.90
N LEU G 52 -19.96 9.36 10.70
CA LEU G 52 -21.11 8.47 10.59
C LEU G 52 -20.81 7.11 11.20
N GLY G 53 -19.63 6.55 10.93
CA GLY G 53 -19.27 5.28 11.53
C GLY G 53 -19.16 5.36 13.03
N PHE G 54 -18.57 6.45 13.54
CA PHE G 54 -18.55 6.71 14.97
C PHE G 54 -19.94 6.69 15.57
N ALA G 55 -20.88 7.42 14.96
CA ALA G 55 -22.23 7.49 15.51
C ALA G 55 -22.87 6.11 15.56
N LEU G 56 -22.71 5.33 14.48
CA LEU G 56 -23.32 4.01 14.46
C LEU G 56 -22.74 3.10 15.54
N SER G 57 -21.41 3.01 15.65
CA SER G 57 -20.83 2.13 16.66
C SER G 57 -21.15 2.61 18.07
N GLU G 58 -21.12 3.92 18.29
CA GLU G 58 -21.46 4.47 19.60
C GLU G 58 -22.90 4.12 19.98
N ALA G 59 -23.83 4.22 19.02
CA ALA G 59 -25.21 3.88 19.34
C ALA G 59 -25.39 2.39 19.62
N MET G 60 -24.68 1.55 18.87
CA MET G 60 -24.75 0.11 19.17
C MET G 60 -24.20 -0.20 20.56
N GLY G 61 -23.16 0.51 21.00
CA GLY G 61 -22.72 0.36 22.38
C GLY G 61 -23.73 0.91 23.37
N LEU G 62 -24.39 2.01 23.01
CA LEU G 62 -25.39 2.59 23.88
C LEU G 62 -26.58 1.67 24.06
N PHE G 63 -26.85 0.77 23.10
CA PHE G 63 -27.89 -0.23 23.33
C PHE G 63 -27.55 -1.14 24.50
N CYS G 64 -26.31 -1.63 24.57
CA CYS G 64 -25.92 -2.42 25.73
C CYS G 64 -25.96 -1.59 27.00
N LEU G 65 -25.49 -0.35 26.93
CA LEU G 65 -25.50 0.50 28.11
C LEU G 65 -26.93 0.72 28.61
N MET G 66 -27.88 0.92 27.69
CA MET G 66 -29.25 1.18 28.08
C MET G 66 -29.94 -0.08 28.57
N VAL G 67 -29.60 -1.24 28.01
CA VAL G 67 -30.12 -2.49 28.58
C VAL G 67 -29.64 -2.64 30.01
N ALA G 68 -28.35 -2.37 30.25
CA ALA G 68 -27.82 -2.44 31.60
C ALA G 68 -28.56 -1.50 32.54
N PHE G 69 -28.70 -0.23 32.14
CA PHE G 69 -29.35 0.75 33.00
C PHE G 69 -30.84 0.44 33.18
N LEU G 70 -31.47 -0.18 32.19
CA LEU G 70 -32.89 -0.49 32.29
C LEU G 70 -33.13 -1.67 33.22
N ILE G 71 -32.22 -2.64 33.24
CA ILE G 71 -32.31 -3.70 34.23
C ILE G 71 -31.98 -3.16 35.62
N LEU G 72 -30.98 -2.28 35.73
CA LEU G 72 -30.60 -1.74 37.02
C LEU G 72 -31.73 -0.92 37.64
N PHE G 73 -32.26 0.05 36.89
CA PHE G 73 -33.24 0.97 37.44
C PHE G 73 -34.65 0.40 37.39
N ALA G 74 -35.14 0.10 36.19
CA ALA G 74 -36.42 -0.56 36.04
C ALA G 74 -36.23 -2.06 36.22
N MET G 75 -37.25 -2.84 35.92
CA MET G 75 -37.15 -4.30 36.02
C MET G 75 -37.88 -4.97 34.86
N ASP H 1 -17.69 -17.06 54.15
CA ASP H 1 -19.06 -16.82 53.72
C ASP H 1 -19.19 -17.03 52.22
N ILE H 2 -20.39 -16.78 51.70
CA ILE H 2 -20.57 -16.75 50.25
C ILE H 2 -19.83 -15.56 49.66
N ASP H 3 -19.52 -14.56 50.49
CA ASP H 3 -18.90 -13.34 50.01
C ASP H 3 -17.52 -13.61 49.41
N THR H 4 -16.71 -14.46 50.05
CA THR H 4 -15.43 -14.81 49.46
C THR H 4 -15.60 -15.57 48.15
N ALA H 5 -16.64 -16.39 48.05
CA ALA H 5 -16.91 -17.07 46.79
C ALA H 5 -17.19 -16.07 45.68
N ALA H 6 -18.04 -15.09 45.95
CA ALA H 6 -18.33 -14.09 44.93
C ALA H 6 -17.11 -13.22 44.64
N LYS H 7 -16.25 -12.97 45.62
CA LYS H 7 -15.01 -12.27 45.35
C LYS H 7 -14.13 -13.06 44.40
N PHE H 8 -14.05 -14.37 44.59
CA PHE H 8 -13.32 -15.22 43.65
C PHE H 8 -13.89 -15.10 42.25
N ILE H 9 -15.21 -15.17 42.14
CA ILE H 9 -15.86 -15.07 40.84
C ILE H 9 -15.57 -13.72 40.20
N GLY H 10 -15.66 -12.65 40.99
CA GLY H 10 -15.43 -11.31 40.45
C GLY H 10 -14.01 -11.10 39.99
N ALA H 11 -13.04 -11.61 40.74
CA ALA H 11 -11.66 -11.52 40.30
C ALA H 11 -11.44 -12.29 39.01
N GLY H 12 -11.96 -13.53 38.95
CA GLY H 12 -11.81 -14.34 37.76
C GLY H 12 -12.50 -13.76 36.54
N ALA H 13 -13.54 -12.95 36.74
CA ALA H 13 -14.16 -12.28 35.61
C ALA H 13 -13.39 -11.03 35.22
N ALA H 14 -13.09 -10.17 36.19
CA ALA H 14 -12.41 -8.91 35.92
C ALA H 14 -11.02 -9.10 35.33
N THR H 15 -10.39 -10.25 35.53
CA THR H 15 -9.05 -10.42 34.98
C THR H 15 -9.05 -10.73 33.49
N VAL H 16 -10.22 -10.91 32.87
CA VAL H 16 -10.24 -11.19 31.44
C VAL H 16 -10.21 -9.92 30.60
N GLY H 17 -10.36 -8.75 31.22
CA GLY H 17 -10.27 -7.50 30.47
C GLY H 17 -8.93 -7.33 29.82
N VAL H 18 -7.93 -8.08 30.31
CA VAL H 18 -6.58 -8.02 29.77
C VAL H 18 -6.49 -8.56 28.35
N ALA H 19 -7.50 -9.31 27.90
CA ALA H 19 -7.47 -9.84 26.54
C ALA H 19 -7.49 -8.73 25.50
N GLY H 20 -8.32 -7.70 25.71
CA GLY H 20 -8.34 -6.60 24.77
C GLY H 20 -7.00 -5.90 24.69
N SER H 21 -6.34 -5.73 25.84
CA SER H 21 -5.02 -5.12 25.84
C SER H 21 -3.99 -5.98 25.12
N GLY H 22 -4.08 -7.30 25.29
CA GLY H 22 -3.17 -8.17 24.56
C GLY H 22 -3.34 -8.06 23.06
N ALA H 23 -4.59 -8.07 22.61
CA ALA H 23 -4.85 -7.91 21.17
C ALA H 23 -4.39 -6.53 20.68
N GLY H 24 -4.61 -5.49 21.48
CA GLY H 24 -4.15 -4.16 21.08
C GLY H 24 -2.63 -4.05 20.97
N ILE H 25 -1.91 -4.67 21.91
CA ILE H 25 -0.47 -4.70 21.84
C ILE H 25 -0.02 -5.42 20.57
N GLY H 26 -0.65 -6.55 20.27
CA GLY H 26 -0.34 -7.25 19.04
C GLY H 26 -0.55 -6.38 17.82
N THR H 27 -1.67 -5.66 17.78
CA THR H 27 -1.93 -4.78 16.64
C THR H 27 -0.89 -3.68 16.52
N VAL H 28 -0.52 -3.05 17.64
CA VAL H 28 0.45 -1.95 17.59
C VAL H 28 1.78 -2.46 17.06
N PHE H 29 2.26 -3.58 17.57
CA PHE H 29 3.57 -4.04 17.13
C PHE H 29 3.52 -4.60 15.71
N GLY H 30 2.40 -5.20 15.31
CA GLY H 30 2.30 -5.65 13.93
C GLY H 30 2.33 -4.50 12.95
N SER H 31 1.57 -3.44 13.24
CA SER H 31 1.62 -2.29 12.37
C SER H 31 2.95 -1.58 12.42
N LEU H 32 3.67 -1.67 13.56
CA LEU H 32 5.03 -1.17 13.58
C LEU H 32 5.92 -1.95 12.64
N ILE H 33 5.76 -3.27 12.60
CA ILE H 33 6.53 -4.09 11.66
C ILE H 33 6.23 -3.66 10.23
N ILE H 34 4.95 -3.50 9.90
CA ILE H 34 4.58 -3.14 8.53
C ILE H 34 5.12 -1.76 8.17
N GLY H 35 4.96 -0.79 9.07
CA GLY H 35 5.42 0.56 8.80
C GLY H 35 6.92 0.64 8.66
N TYR H 36 7.66 -0.07 9.50
CA TYR H 36 9.11 -0.09 9.35
C TYR H 36 9.51 -0.74 8.04
N ALA H 37 8.85 -1.84 7.66
CA ALA H 37 9.19 -2.49 6.40
C ALA H 37 8.90 -1.60 5.20
N ARG H 38 7.88 -0.74 5.29
CA ARG H 38 7.57 0.15 4.17
C ARG H 38 8.58 1.28 4.06
N ASN H 39 8.95 1.92 5.17
CA ASN H 39 9.83 3.08 5.17
C ASN H 39 10.94 2.87 6.20
N PRO H 40 12.01 2.15 5.82
CA PRO H 40 13.02 1.78 6.82
C PRO H 40 13.75 2.95 7.43
N SER H 41 13.67 4.14 6.85
CA SER H 41 14.43 5.28 7.34
C SER H 41 13.75 6.02 8.48
N LEU H 42 12.59 5.58 8.93
CA LEU H 42 11.88 6.27 9.99
C LEU H 42 11.93 5.51 11.32
N M3L H 43 12.87 4.60 11.42
CA M3L H 43 12.98 3.70 12.55
CB M3L H 43 14.39 3.10 12.62
CG M3L H 43 14.33 1.71 13.21
CD M3L H 43 15.47 0.88 12.65
CE M3L H 43 16.75 1.27 13.37
NZ M3L H 43 17.52 0.13 14.01
C M3L H 43 12.69 4.23 13.93
O M3L H 43 11.86 3.73 14.70
CM1 M3L H 43 17.71 -0.99 13.05
CM2 M3L H 43 16.82 -0.37 15.23
CM3 M3L H 43 18.86 0.65 14.42
N GLN H 44 13.37 5.32 14.28
CA GLN H 44 13.26 5.89 15.61
C GLN H 44 11.84 6.41 15.88
N GLN H 45 11.31 7.20 14.96
CA GLN H 45 9.97 7.76 15.15
C GLN H 45 8.92 6.66 15.17
N LEU H 46 9.07 5.66 14.31
CA LEU H 46 8.12 4.55 14.30
C LEU H 46 8.15 3.80 15.62
N PHE H 47 9.35 3.54 16.14
CA PHE H 47 9.47 2.86 17.42
C PHE H 47 8.87 3.70 18.55
N SER H 48 9.05 5.02 18.48
CA SER H 48 8.45 5.88 19.49
C SER H 48 6.93 5.81 19.47
N TYR H 49 6.34 5.84 18.26
CA TYR H 49 4.89 5.73 18.16
C TYR H 49 4.40 4.38 18.67
N ALA H 50 5.15 3.32 18.35
CA ALA H 50 4.80 2.00 18.86
C ALA H 50 4.84 1.96 20.38
N ILE H 51 5.84 2.58 20.99
CA ILE H 51 5.95 2.55 22.44
C ILE H 51 4.82 3.36 23.07
N LEU H 52 4.44 4.48 22.44
CA LEU H 52 3.31 5.24 22.96
C LEU H 52 2.02 4.41 22.92
N GLY H 53 1.76 3.76 21.77
CA GLY H 53 0.58 2.93 21.67
C GLY H 53 0.60 1.76 22.64
N PHE H 54 1.78 1.15 22.83
CA PHE H 54 1.93 0.17 23.89
C PHE H 54 1.58 0.72 25.26
N ALA H 55 2.12 1.89 25.61
CA ALA H 55 1.86 2.42 26.94
C ALA H 55 0.36 2.56 27.17
N LEU H 56 -0.36 3.08 26.19
CA LEU H 56 -1.80 3.30 26.37
C LEU H 56 -2.56 1.98 26.44
N SER H 57 -2.42 1.14 25.41
CA SER H 57 -3.16 -0.13 25.39
C SER H 57 -2.71 -1.05 26.51
N GLU H 58 -1.53 -0.83 27.07
CA GLU H 58 -1.08 -1.58 28.23
C GLU H 58 -1.81 -1.11 29.49
N ALA H 59 -1.82 0.20 29.72
CA ALA H 59 -2.51 0.73 30.89
C ALA H 59 -3.97 0.30 30.93
N MET H 60 -4.59 0.14 29.76
CA MET H 60 -6.00 -0.26 29.78
C MET H 60 -6.20 -1.64 30.39
N GLY H 61 -5.35 -2.61 30.08
CA GLY H 61 -5.49 -3.92 30.69
C GLY H 61 -4.90 -3.98 32.07
N LEU H 62 -3.91 -3.11 32.33
CA LEU H 62 -3.34 -3.05 33.66
C LEU H 62 -4.37 -2.57 34.67
N PHE H 63 -5.27 -1.67 34.28
CA PHE H 63 -6.30 -1.29 35.24
C PHE H 63 -7.35 -2.37 35.39
N CYS H 64 -7.52 -3.22 34.37
CA CYS H 64 -8.36 -4.41 34.56
C CYS H 64 -7.78 -5.29 35.65
N LEU H 65 -6.46 -5.53 35.59
CA LEU H 65 -5.82 -6.29 36.67
C LEU H 65 -5.91 -5.57 38.00
N MET H 66 -5.82 -4.24 37.98
CA MET H 66 -5.94 -3.48 39.21
C MET H 66 -7.31 -3.69 39.85
N VAL H 67 -8.37 -3.63 39.06
CA VAL H 67 -9.71 -3.87 39.59
C VAL H 67 -9.86 -5.32 40.04
N ALA H 68 -9.25 -6.25 39.31
CA ALA H 68 -9.33 -7.65 39.72
C ALA H 68 -8.70 -7.87 41.09
N PHE H 69 -7.52 -7.28 41.31
CA PHE H 69 -6.87 -7.41 42.61
C PHE H 69 -7.61 -6.65 43.69
N LEU H 70 -8.23 -5.52 43.34
CA LEU H 70 -9.04 -4.78 44.29
C LEU H 70 -10.23 -5.61 44.75
N ILE H 71 -10.94 -6.23 43.81
CA ILE H 71 -12.06 -7.10 44.18
C ILE H 71 -11.57 -8.28 44.99
N LEU H 72 -10.43 -8.85 44.59
CA LEU H 72 -9.94 -10.07 45.22
C LEU H 72 -9.58 -9.86 46.69
N PHE H 73 -8.95 -8.74 47.03
CA PHE H 73 -8.50 -8.50 48.40
C PHE H 73 -9.16 -7.28 49.03
N ALA H 74 -10.34 -6.91 48.57
CA ALA H 74 -11.11 -5.83 49.18
C ALA H 74 -12.58 -5.89 48.73
N ASP I 1 -17.50 -25.73 51.26
CA ASP I 1 -17.01 -26.08 49.92
C ASP I 1 -17.47 -25.09 48.88
N ILE I 2 -18.17 -24.03 49.32
CA ILE I 2 -18.52 -22.97 48.39
C ILE I 2 -17.28 -22.26 47.88
N ASP I 3 -16.26 -22.12 48.73
CA ASP I 3 -14.97 -21.61 48.25
C ASP I 3 -14.33 -22.60 47.28
N THR I 4 -14.53 -23.89 47.50
CA THR I 4 -13.96 -24.88 46.58
C THR I 4 -14.58 -24.75 45.19
N ALA I 5 -15.88 -24.45 45.11
CA ALA I 5 -16.52 -24.25 43.82
C ALA I 5 -16.16 -22.90 43.22
N ALA I 6 -16.04 -21.88 44.07
CA ALA I 6 -15.68 -20.56 43.59
C ALA I 6 -14.29 -20.54 42.99
N LYS I 7 -13.35 -21.28 43.60
CA LYS I 7 -12.01 -21.36 43.04
C LYS I 7 -12.05 -21.90 41.62
N PHE I 8 -12.80 -22.98 41.41
CA PHE I 8 -12.86 -23.59 40.08
C PHE I 8 -13.46 -22.62 39.07
N ILE I 9 -14.62 -22.04 39.41
CA ILE I 9 -15.29 -21.16 38.46
C ILE I 9 -14.43 -19.94 38.17
N GLY I 10 -13.82 -19.36 39.19
CA GLY I 10 -12.99 -18.19 39.00
C GLY I 10 -11.77 -18.47 38.14
N ALA I 11 -11.12 -19.61 38.36
CA ALA I 11 -9.97 -19.96 37.52
C ALA I 11 -10.40 -20.20 36.09
N GLY I 12 -11.54 -20.86 35.90
CA GLY I 12 -12.04 -21.06 34.55
C GLY I 12 -12.33 -19.75 33.84
N ALA I 13 -12.95 -18.80 34.52
CA ALA I 13 -13.21 -17.50 33.92
C ALA I 13 -11.95 -16.67 33.79
N ALA I 14 -10.94 -16.94 34.60
CA ALA I 14 -9.70 -16.18 34.56
C ALA I 14 -8.83 -16.60 33.40
N THR I 15 -8.83 -17.89 33.06
CA THR I 15 -7.99 -18.38 31.97
C THR I 15 -8.45 -17.89 30.61
N VAL I 16 -9.62 -17.25 30.52
CA VAL I 16 -10.08 -16.72 29.24
C VAL I 16 -9.13 -15.67 28.70
N GLY I 17 -8.54 -14.86 29.58
CA GLY I 17 -7.69 -13.75 29.19
C GLY I 17 -6.53 -14.12 28.28
N VAL I 18 -6.23 -15.41 28.14
CA VAL I 18 -5.19 -15.82 27.20
C VAL I 18 -5.64 -15.61 25.75
N ALA I 19 -6.95 -15.38 25.55
CA ALA I 19 -7.45 -15.11 24.21
C ALA I 19 -6.81 -13.85 23.63
N GLY I 20 -6.61 -12.83 24.46
CA GLY I 20 -6.00 -11.62 23.96
C GLY I 20 -4.58 -11.85 23.46
N SER I 21 -3.80 -12.63 24.20
CA SER I 21 -2.47 -12.95 23.71
C SER I 21 -2.51 -13.81 22.46
N GLY I 22 -3.50 -14.70 22.35
CA GLY I 22 -3.64 -15.47 21.12
C GLY I 22 -3.86 -14.58 19.91
N ALA I 23 -4.82 -13.66 20.03
CA ALA I 23 -5.10 -12.75 18.92
C ALA I 23 -3.91 -11.85 18.63
N GLY I 24 -3.24 -11.35 19.67
CA GLY I 24 -2.11 -10.46 19.47
C GLY I 24 -0.94 -11.14 18.80
N ILE I 25 -0.61 -12.35 19.21
CA ILE I 25 0.49 -13.07 18.58
C ILE I 25 0.15 -13.42 17.14
N GLY I 26 -1.10 -13.80 16.89
CA GLY I 26 -1.52 -13.97 15.50
C GLY I 26 -1.31 -12.72 14.68
N THR I 27 -1.69 -11.56 15.23
CA THR I 27 -1.55 -10.31 14.50
C THR I 27 -0.10 -9.97 14.25
N VAL I 28 0.78 -10.14 15.25
CA VAL I 28 2.17 -9.75 15.05
C VAL I 28 2.83 -10.67 14.03
N PHE I 29 2.52 -11.96 14.05
CA PHE I 29 3.18 -12.82 13.07
C PHE I 29 2.59 -12.68 11.68
N GLY I 30 1.29 -12.37 11.57
CA GLY I 30 0.74 -12.02 10.28
C GLY I 30 1.39 -10.78 9.69
N SER I 31 1.57 -9.75 10.53
CA SER I 31 2.22 -8.55 10.04
C SER I 31 3.69 -8.80 9.71
N LEU I 32 4.35 -9.70 10.43
CA LEU I 32 5.70 -10.07 10.04
C LEU I 32 5.71 -10.72 8.67
N ILE I 33 4.76 -11.62 8.40
CA ILE I 33 4.70 -12.25 7.08
C ILE I 33 4.52 -11.19 6.00
N ILE I 34 3.59 -10.25 6.22
CA ILE I 34 3.34 -9.21 5.23
C ILE I 34 4.58 -8.36 5.00
N GLY I 35 5.18 -7.87 6.09
CA GLY I 35 6.31 -6.97 5.96
C GLY I 35 7.56 -7.65 5.43
N TYR I 36 7.69 -8.96 5.64
CA TYR I 36 8.78 -9.69 5.01
C TYR I 36 8.51 -9.95 3.54
N ALA I 37 7.23 -10.08 3.17
CA ALA I 37 6.90 -10.17 1.75
C ALA I 37 7.22 -8.86 1.04
N ARG I 38 6.98 -7.73 1.70
CA ARG I 38 7.22 -6.45 1.04
C ARG I 38 8.71 -6.14 0.92
N ASN I 39 9.45 -6.19 2.04
CA ASN I 39 10.84 -5.75 2.10
C ASN I 39 11.68 -6.90 2.67
N PRO I 40 12.00 -7.92 1.87
CA PRO I 40 12.66 -9.10 2.41
C PRO I 40 14.01 -8.83 3.05
N SER I 41 14.77 -7.86 2.56
CA SER I 41 16.13 -7.64 3.04
C SER I 41 16.17 -7.15 4.49
N LEU I 42 15.05 -6.75 5.06
CA LEU I 42 15.00 -6.34 6.45
C LEU I 42 14.50 -7.49 7.30
N M3L I 43 14.81 -8.72 6.90
CA M3L I 43 14.37 -9.88 7.61
CB M3L I 43 14.91 -11.18 6.99
CG M3L I 43 14.24 -12.34 7.68
CD M3L I 43 15.16 -13.54 7.75
CE M3L I 43 15.49 -13.97 6.32
NZ M3L I 43 16.14 -15.32 6.16
C M3L I 43 14.77 -9.91 9.07
O M3L I 43 14.00 -10.18 9.97
CM1 M3L I 43 16.30 -15.69 4.72
CM2 M3L I 43 15.35 -16.38 6.85
CM3 M3L I 43 17.49 -15.26 6.79
N GLN I 44 16.03 -9.58 9.31
CA GLN I 44 16.58 -9.62 10.66
C GLN I 44 15.90 -8.62 11.58
N GLN I 45 15.78 -7.38 11.12
CA GLN I 45 15.15 -6.35 11.95
C GLN I 45 13.66 -6.65 12.15
N LEU I 46 12.99 -7.10 11.10
CA LEU I 46 11.58 -7.47 11.25
C LEU I 46 11.43 -8.59 12.26
N PHE I 47 12.32 -9.58 12.23
CA PHE I 47 12.22 -10.69 13.16
C PHE I 47 12.51 -10.23 14.59
N SER I 48 13.46 -9.32 14.76
CA SER I 48 13.74 -8.78 16.08
C SER I 48 12.59 -7.93 16.60
N TYR I 49 11.74 -7.41 15.72
CA TYR I 49 10.54 -6.72 16.17
C TYR I 49 9.40 -7.70 16.47
N ALA I 50 9.33 -8.78 15.68
CA ALA I 50 8.30 -9.79 15.92
C ALA I 50 8.52 -10.50 17.24
N ILE I 51 9.77 -10.80 17.58
CA ILE I 51 10.06 -11.39 18.88
C ILE I 51 9.62 -10.45 20.00
N LEU I 52 9.87 -9.16 19.84
CA LEU I 52 9.47 -8.20 20.86
C LEU I 52 7.95 -8.18 21.03
N GLY I 53 7.21 -8.12 19.92
CA GLY I 53 5.75 -8.12 20.03
C GLY I 53 5.21 -9.41 20.64
N PHE I 54 5.70 -10.55 20.16
CA PHE I 54 5.45 -11.84 20.79
C PHE I 54 5.59 -11.81 22.29
N ALA I 55 6.81 -11.52 22.77
CA ALA I 55 7.07 -11.60 24.20
C ALA I 55 6.24 -10.58 24.96
N LEU I 56 5.98 -9.44 24.36
CA LEU I 56 5.37 -8.37 25.12
C LEU I 56 3.84 -8.46 25.12
N SER I 57 3.26 -9.37 24.33
CA SER I 57 1.88 -9.80 24.55
C SER I 57 1.78 -11.09 25.35
N GLU I 58 2.79 -11.96 25.24
CA GLU I 58 2.89 -13.08 26.17
C GLU I 58 3.01 -12.58 27.61
N ALA I 59 3.49 -11.36 27.80
CA ALA I 59 3.43 -10.75 29.12
C ALA I 59 2.00 -10.76 29.67
N MET I 60 1.04 -10.24 28.90
CA MET I 60 -0.33 -10.20 29.40
C MET I 60 -0.95 -11.58 29.46
N GLY I 61 -0.57 -12.47 28.54
CA GLY I 61 -0.98 -13.86 28.69
C GLY I 61 -0.55 -14.44 30.02
N LEU I 62 0.69 -14.15 30.43
CA LEU I 62 1.19 -14.65 31.70
C LEU I 62 0.54 -13.95 32.88
N PHE I 63 0.16 -12.67 32.73
CA PHE I 63 -0.60 -12.01 33.80
C PHE I 63 -1.92 -12.73 34.04
N CYS I 64 -2.64 -13.06 32.96
CA CYS I 64 -3.90 -13.77 33.12
C CYS I 64 -3.69 -15.16 33.71
N LEU I 65 -2.68 -15.88 33.24
CA LEU I 65 -2.42 -17.21 33.80
C LEU I 65 -2.00 -17.14 35.26
N MET I 66 -1.23 -16.12 35.63
CA MET I 66 -0.79 -15.99 37.01
C MET I 66 -1.98 -15.69 37.92
N VAL I 67 -2.90 -14.83 37.47
CA VAL I 67 -4.12 -14.60 38.26
C VAL I 67 -4.93 -15.89 38.36
N ALA I 68 -5.03 -16.64 37.27
CA ALA I 68 -5.80 -17.88 37.29
C ALA I 68 -5.24 -18.87 38.30
N PHE I 69 -3.94 -19.13 38.24
CA PHE I 69 -3.34 -20.05 39.21
C PHE I 69 -3.35 -19.48 40.61
N LEU I 70 -3.28 -18.16 40.77
CA LEU I 70 -3.42 -17.55 42.08
C LEU I 70 -4.77 -17.90 42.69
N ILE I 71 -5.83 -17.74 41.92
CA ILE I 71 -7.16 -18.13 42.39
C ILE I 71 -7.21 -19.63 42.67
N LEU I 72 -6.64 -20.44 41.77
CA LEU I 72 -6.78 -21.89 41.88
C LEU I 72 -6.08 -22.42 43.12
N PHE I 73 -4.91 -21.91 43.45
CA PHE I 73 -4.08 -22.50 44.49
C PHE I 73 -3.81 -21.58 45.68
N ALA I 74 -3.43 -20.33 45.44
CA ALA I 74 -2.80 -19.49 46.46
C ALA I 74 -3.71 -18.38 46.94
N MET I 75 -5.00 -18.68 47.12
CA MET I 75 -5.90 -17.77 47.84
C MET I 75 -6.07 -16.44 47.12
N ASP J 1 -20.93 -33.61 44.30
CA ASP J 1 -20.63 -32.48 45.17
C ASP J 1 -20.56 -31.18 44.36
N ILE J 2 -20.70 -30.04 45.05
CA ILE J 2 -20.69 -28.76 44.35
C ILE J 2 -19.37 -28.51 43.66
N ASP J 3 -18.28 -29.11 44.17
CA ASP J 3 -17.00 -29.00 43.48
C ASP J 3 -17.04 -29.71 42.13
N THR J 4 -17.73 -30.84 42.04
CA THR J 4 -17.88 -31.51 40.76
C THR J 4 -18.65 -30.66 39.77
N ALA J 5 -19.68 -29.95 40.24
CA ALA J 5 -20.38 -29.01 39.37
C ALA J 5 -19.47 -27.89 38.92
N ALA J 6 -18.71 -27.32 39.85
CA ALA J 6 -17.79 -26.24 39.49
C ALA J 6 -16.71 -26.72 38.54
N LYS J 7 -16.40 -28.01 38.54
CA LYS J 7 -15.46 -28.53 37.56
C LYS J 7 -15.97 -28.30 36.15
N PHE J 8 -17.23 -28.67 35.89
CA PHE J 8 -17.82 -28.43 34.58
C PHE J 8 -17.94 -26.93 34.32
N ILE J 9 -18.32 -26.16 35.33
CA ILE J 9 -18.46 -24.71 35.13
C ILE J 9 -17.14 -24.10 34.71
N GLY J 10 -16.07 -24.41 35.44
CA GLY J 10 -14.77 -23.86 35.14
C GLY J 10 -14.22 -24.37 33.82
N ALA J 11 -14.51 -25.62 33.46
CA ALA J 11 -14.08 -26.12 32.17
C ALA J 11 -14.75 -25.37 31.03
N GLY J 12 -16.06 -25.18 31.13
CA GLY J 12 -16.77 -24.41 30.12
C GLY J 12 -16.32 -22.96 30.05
N ALA J 13 -15.92 -22.39 31.19
CA ALA J 13 -15.41 -21.02 31.16
C ALA J 13 -13.99 -20.97 30.60
N ALA J 14 -13.17 -21.97 30.88
CA ALA J 14 -11.78 -21.96 30.44
C ALA J 14 -11.68 -22.22 28.95
N THR J 15 -12.60 -23.00 28.39
CA THR J 15 -12.57 -23.23 26.96
C THR J 15 -12.87 -21.98 26.15
N VAL J 16 -13.33 -20.91 26.80
CA VAL J 16 -13.62 -19.66 26.10
C VAL J 16 -12.34 -19.10 25.50
N GLY J 17 -11.19 -19.42 26.08
CA GLY J 17 -9.92 -18.86 25.68
C GLY J 17 -9.35 -19.37 24.39
N VAL J 18 -10.09 -20.20 23.66
CA VAL J 18 -9.66 -20.65 22.34
C VAL J 18 -10.03 -19.64 21.25
N ALA J 19 -10.96 -18.72 21.54
CA ALA J 19 -11.29 -17.68 20.56
C ALA J 19 -10.09 -16.80 20.24
N GLY J 20 -9.16 -16.67 21.18
CA GLY J 20 -7.94 -15.94 20.88
C GLY J 20 -7.07 -16.65 19.85
N SER J 21 -6.90 -17.96 20.00
CA SER J 21 -6.28 -18.74 18.94
C SER J 21 -7.08 -18.61 17.65
N GLY J 22 -8.38 -18.38 17.78
CA GLY J 22 -9.23 -18.08 16.64
C GLY J 22 -8.78 -16.90 15.81
N ALA J 23 -8.85 -15.74 16.46
CA ALA J 23 -8.38 -14.52 15.82
C ALA J 23 -6.93 -14.66 15.36
N GLY J 24 -6.11 -15.36 16.14
CA GLY J 24 -4.70 -15.46 15.80
C GLY J 24 -4.45 -16.25 14.53
N ILE J 25 -5.01 -17.45 14.43
CA ILE J 25 -4.80 -18.27 13.24
C ILE J 25 -5.45 -17.61 12.03
N GLY J 26 -6.62 -17.00 12.22
CA GLY J 26 -7.23 -16.29 11.11
C GLY J 26 -6.34 -15.20 10.57
N THR J 27 -5.80 -14.37 11.47
CA THR J 27 -4.93 -13.28 11.02
C THR J 27 -3.65 -13.81 10.39
N VAL J 28 -3.06 -14.86 10.98
CA VAL J 28 -1.80 -15.37 10.45
C VAL J 28 -1.99 -15.89 9.03
N PHE J 29 -3.03 -16.67 8.79
CA PHE J 29 -3.17 -17.22 7.45
C PHE J 29 -3.71 -16.21 6.45
N GLY J 30 -4.52 -15.25 6.89
CA GLY J 30 -4.91 -14.18 5.99
C GLY J 30 -3.72 -13.35 5.56
N SER J 31 -2.83 -13.02 6.50
CA SER J 31 -1.66 -12.24 6.16
C SER J 31 -0.68 -13.06 5.33
N LEU J 32 -0.61 -14.37 5.55
CA LEU J 32 0.17 -15.22 4.64
C LEU J 32 -0.40 -15.15 3.23
N ILE J 33 -1.73 -15.18 3.11
CA ILE J 33 -2.36 -15.08 1.79
C ILE J 33 -1.96 -13.77 1.11
N ILE J 34 -2.06 -12.66 1.84
CA ILE J 34 -1.72 -11.37 1.23
C ILE J 34 -0.23 -11.30 0.88
N GLY J 35 0.62 -11.74 1.80
CA GLY J 35 2.05 -11.67 1.54
C GLY J 35 2.47 -12.52 0.36
N TYR J 36 1.90 -13.71 0.23
CA TYR J 36 2.18 -14.53 -0.93
C TYR J 36 1.55 -13.94 -2.18
N ALA J 37 0.43 -13.22 -2.05
CA ALA J 37 -0.12 -12.54 -3.21
C ALA J 37 0.85 -11.52 -3.76
N ARG J 38 1.49 -10.74 -2.88
CA ARG J 38 2.38 -9.70 -3.38
C ARG J 38 3.69 -10.27 -3.91
N ASN J 39 4.30 -11.22 -3.19
CA ASN J 39 5.63 -11.71 -3.53
C ASN J 39 5.65 -13.23 -3.53
N PRO J 40 5.16 -13.86 -4.60
CA PRO J 40 5.09 -15.33 -4.63
C PRO J 40 6.43 -16.02 -4.58
N SER J 41 7.53 -15.35 -4.90
CA SER J 41 8.82 -16.02 -4.88
C SER J 41 9.29 -16.38 -3.48
N LEU J 42 8.63 -15.88 -2.45
CA LEU J 42 9.08 -16.08 -1.07
C LEU J 42 8.22 -17.11 -0.35
N M3L J 43 7.50 -17.93 -1.10
CA M3L J 43 6.48 -18.78 -0.53
CB M3L J 43 5.80 -19.67 -1.57
CG M3L J 43 6.75 -20.58 -2.31
CD M3L J 43 5.96 -21.50 -3.22
CE M3L J 43 4.83 -22.13 -2.42
NZ M3L J 43 3.93 -23.12 -3.15
C M3L J 43 6.96 -19.69 0.60
O M3L J 43 6.27 -19.92 1.58
CM1 M3L J 43 4.73 -24.20 -3.80
CM2 M3L J 43 3.11 -22.42 -4.19
CM3 M3L J 43 3.00 -23.73 -2.16
N GLN J 44 8.18 -20.21 0.46
CA GLN J 44 8.71 -21.11 1.48
C GLN J 44 8.92 -20.40 2.80
N GLN J 45 9.58 -19.25 2.78
CA GLN J 45 9.81 -18.52 4.02
C GLN J 45 8.53 -17.93 4.57
N LEU J 46 7.62 -17.49 3.70
CA LEU J 46 6.32 -17.03 4.17
C LEU J 46 5.56 -18.14 4.88
N PHE J 47 5.59 -19.34 4.30
CA PHE J 47 4.90 -20.46 4.93
C PHE J 47 5.59 -20.89 6.21
N SER J 48 6.92 -20.78 6.28
CA SER J 48 7.62 -21.08 7.51
C SER J 48 7.20 -20.13 8.63
N TYR J 49 7.18 -18.83 8.34
CA TYR J 49 6.70 -17.87 9.33
C TYR J 49 5.24 -18.14 9.69
N ALA J 50 4.43 -18.55 8.72
CA ALA J 50 3.04 -18.84 9.00
C ALA J 50 2.89 -20.02 9.95
N ILE J 51 3.67 -21.07 9.73
CA ILE J 51 3.65 -22.21 10.65
C ILE J 51 4.13 -21.80 12.03
N LEU J 52 5.16 -20.96 12.09
CA LEU J 52 5.62 -20.47 13.40
C LEU J 52 4.50 -19.73 14.13
N GLY J 53 3.82 -18.82 13.44
CA GLY J 53 2.75 -18.08 14.09
C GLY J 53 1.56 -18.95 14.47
N PHE J 54 1.20 -19.88 13.59
CA PHE J 54 0.12 -20.82 13.92
C PHE J 54 0.46 -21.64 15.14
N ALA J 55 1.69 -22.15 15.22
CA ALA J 55 2.09 -22.91 16.39
C ALA J 55 2.09 -22.04 17.63
N LEU J 56 2.46 -20.77 17.50
CA LEU J 56 2.51 -19.91 18.66
C LEU J 56 1.14 -19.48 19.17
N SER J 57 0.12 -19.47 18.31
CA SER J 57 -1.25 -19.28 18.81
C SER J 57 -1.85 -20.60 19.32
N GLU J 58 -1.53 -21.71 18.66
CA GLU J 58 -1.99 -23.01 19.12
C GLU J 58 -1.38 -23.36 20.47
N ALA J 59 -0.21 -22.82 20.79
CA ALA J 59 0.38 -23.08 22.10
C ALA J 59 -0.54 -22.60 23.20
N MET J 60 -1.08 -21.39 23.07
CA MET J 60 -2.03 -20.90 24.07
C MET J 60 -3.41 -21.53 23.92
N GLY J 61 -3.79 -21.96 22.72
CA GLY J 61 -4.98 -22.79 22.61
C GLY J 61 -4.89 -24.04 23.47
N LEU J 62 -3.75 -24.73 23.38
CA LEU J 62 -3.53 -25.90 24.24
C LEU J 62 -3.33 -25.53 25.69
N PHE J 63 -2.81 -24.34 26.00
CA PHE J 63 -2.80 -23.90 27.39
C PHE J 63 -4.21 -23.85 27.97
N CYS J 64 -5.13 -23.21 27.24
CA CYS J 64 -6.51 -23.12 27.71
C CYS J 64 -7.14 -24.51 27.79
N LEU J 65 -6.91 -25.35 26.78
CA LEU J 65 -7.51 -26.68 26.79
C LEU J 65 -6.95 -27.55 27.92
N MET J 66 -5.66 -27.47 28.18
CA MET J 66 -5.08 -28.25 29.26
C MET J 66 -5.55 -27.75 30.61
N VAL J 67 -5.74 -26.44 30.76
CA VAL J 67 -6.33 -25.94 32.01
C VAL J 67 -7.75 -26.48 32.18
N ALA J 68 -8.53 -26.50 31.09
CA ALA J 68 -9.88 -27.02 31.16
C ALA J 68 -9.88 -28.49 31.56
N PHE J 69 -9.02 -29.29 30.94
CA PHE J 69 -8.95 -30.70 31.28
C PHE J 69 -8.45 -30.92 32.70
N LEU J 70 -7.53 -30.07 33.17
CA LEU J 70 -7.06 -30.16 34.54
C LEU J 70 -8.20 -29.89 35.52
N ILE J 71 -9.01 -28.86 35.26
CA ILE J 71 -10.15 -28.58 36.12
C ILE J 71 -11.15 -29.71 36.05
N LEU J 72 -11.31 -30.33 34.88
CA LEU J 72 -12.29 -31.40 34.75
C LEU J 72 -11.91 -32.62 35.57
N PHE J 73 -10.74 -33.19 35.29
CA PHE J 73 -10.41 -34.53 35.76
C PHE J 73 -9.22 -34.57 36.70
N ALA J 74 -8.08 -33.99 36.31
CA ALA J 74 -6.81 -34.21 36.99
C ALA J 74 -6.66 -33.39 38.26
N MET J 75 -7.73 -32.83 38.82
CA MET J 75 -7.63 -32.15 40.11
C MET J 75 -8.11 -33.05 41.24
N ASP K 1 -22.67 -11.80 52.92
CA ASP K 1 -23.96 -11.37 52.39
C ASP K 1 -24.19 -11.93 50.98
N ILE K 2 -25.44 -11.88 50.52
CA ILE K 2 -25.77 -12.40 49.20
C ILE K 2 -25.79 -11.28 48.17
N ASP K 3 -26.60 -10.24 48.43
CA ASP K 3 -26.76 -9.16 47.45
C ASP K 3 -25.45 -8.41 47.24
N THR K 4 -24.70 -8.16 48.32
CA THR K 4 -23.38 -7.54 48.15
C THR K 4 -22.43 -8.45 47.39
N ALA K 5 -22.53 -9.76 47.64
CA ALA K 5 -21.72 -10.71 46.89
C ALA K 5 -22.03 -10.68 45.41
N ALA K 6 -23.32 -10.62 45.06
CA ALA K 6 -23.68 -10.48 43.65
C ALA K 6 -23.27 -9.13 43.10
N LYS K 7 -23.21 -8.09 43.94
CA LYS K 7 -22.66 -6.82 43.48
C LYS K 7 -21.20 -6.98 43.09
N PHE K 8 -20.43 -7.73 43.90
CA PHE K 8 -19.04 -7.96 43.56
C PHE K 8 -18.90 -8.74 42.26
N ILE K 9 -19.75 -9.77 42.08
CA ILE K 9 -19.71 -10.54 40.83
C ILE K 9 -20.07 -9.64 39.65
N GLY K 10 -21.05 -8.76 39.83
CA GLY K 10 -21.45 -7.87 38.77
C GLY K 10 -20.36 -6.89 38.39
N ALA K 11 -19.64 -6.37 39.38
CA ALA K 11 -18.50 -5.49 39.07
C ALA K 11 -17.43 -6.24 38.29
N GLY K 12 -17.12 -7.46 38.73
CA GLY K 12 -16.14 -8.26 38.01
C GLY K 12 -16.55 -8.51 36.57
N ALA K 13 -17.83 -8.79 36.34
CA ALA K 13 -18.30 -9.02 34.98
C ALA K 13 -18.32 -7.72 34.17
N ALA K 14 -18.65 -6.61 34.81
CA ALA K 14 -18.75 -5.34 34.11
C ALA K 14 -17.41 -4.84 33.63
N THR K 15 -16.34 -5.13 34.37
CA THR K 15 -15.04 -4.59 33.97
C THR K 15 -14.53 -5.18 32.66
N VAL K 16 -15.15 -6.26 32.14
CA VAL K 16 -14.67 -6.85 30.90
C VAL K 16 -14.82 -5.91 29.71
N GLY K 17 -15.68 -4.90 29.80
CA GLY K 17 -15.86 -3.98 28.69
C GLY K 17 -14.63 -3.17 28.34
N VAL K 18 -13.59 -3.21 29.17
CA VAL K 18 -12.37 -2.46 28.89
C VAL K 18 -11.59 -3.10 27.75
N ALA K 19 -11.87 -4.37 27.46
CA ALA K 19 -11.14 -5.08 26.41
C ALA K 19 -11.35 -4.42 25.05
N GLY K 20 -12.59 -4.01 24.77
CA GLY K 20 -12.85 -3.34 23.50
C GLY K 20 -12.09 -2.04 23.36
N SER K 21 -12.00 -1.27 24.44
CA SER K 21 -11.25 -0.02 24.39
C SER K 21 -9.77 -0.29 24.18
N GLY K 22 -9.24 -1.33 24.82
CA GLY K 22 -7.85 -1.70 24.58
C GLY K 22 -7.59 -2.07 23.14
N ALA K 23 -8.48 -2.87 22.56
CA ALA K 23 -8.33 -3.24 21.15
C ALA K 23 -8.43 -2.02 20.25
N GLY K 24 -9.35 -1.11 20.56
CA GLY K 24 -9.49 0.10 19.75
C GLY K 24 -8.26 0.98 19.82
N ILE K 25 -7.67 1.13 21.00
CA ILE K 25 -6.46 1.93 21.13
C ILE K 25 -5.33 1.30 20.34
N GLY K 26 -5.21 -0.03 20.42
CA GLY K 26 -4.20 -0.71 19.62
C GLY K 26 -4.39 -0.46 18.14
N THR K 27 -5.63 -0.57 17.66
CA THR K 27 -5.91 -0.34 16.24
C THR K 27 -5.57 1.09 15.84
N VAL K 28 -5.95 2.06 16.67
CA VAL K 28 -5.72 3.46 16.32
C VAL K 28 -4.23 3.74 16.21
N PHE K 29 -3.45 3.29 17.19
CA PHE K 29 -2.04 3.64 17.14
C PHE K 29 -1.29 2.83 16.08
N GLY K 30 -1.70 1.59 15.82
CA GLY K 30 -1.12 0.86 14.71
C GLY K 30 -1.39 1.53 13.39
N SER K 31 -2.61 2.01 13.19
CA SER K 31 -2.93 2.73 11.97
C SER K 31 -2.15 4.04 11.86
N LEU K 32 -1.93 4.72 12.99
CA LEU K 32 -1.07 5.91 12.94
C LEU K 32 0.32 5.55 12.48
N ILE K 33 0.89 4.46 13.01
CA ILE K 33 2.24 4.07 12.60
C ILE K 33 2.28 3.79 11.10
N ILE K 34 1.29 3.03 10.60
CA ILE K 34 1.27 2.71 9.17
C ILE K 34 1.13 3.97 8.34
N GLY K 35 0.17 4.82 8.68
CA GLY K 35 -0.07 6.02 7.89
C GLY K 35 1.12 6.95 7.90
N TYR K 36 1.77 7.13 9.05
CA TYR K 36 2.96 7.96 9.12
C TYR K 36 4.08 7.37 8.28
N ALA K 37 4.25 6.04 8.33
CA ALA K 37 5.28 5.43 7.50
C ALA K 37 5.02 5.68 6.03
N ARG K 38 3.76 5.70 5.61
CA ARG K 38 3.46 6.06 4.23
C ARG K 38 3.71 7.55 3.98
N ASN K 39 3.22 8.42 4.86
CA ASN K 39 3.38 9.86 4.73
C ASN K 39 3.95 10.47 6.00
N PRO K 40 5.26 10.62 6.09
CA PRO K 40 5.83 11.36 7.22
C PRO K 40 5.50 12.83 7.20
N SER K 41 5.07 13.37 6.05
CA SER K 41 4.82 14.79 5.90
C SER K 41 3.47 15.22 6.46
N LEU K 42 2.82 14.41 7.28
CA LEU K 42 1.56 14.79 7.89
C LEU K 42 1.53 14.46 9.37
N M3L K 43 2.70 14.18 9.93
CA M3L K 43 2.86 13.80 11.32
CB M3L K 43 4.30 14.06 11.78
CG M3L K 43 4.51 13.68 13.23
CD M3L K 43 5.90 13.08 13.40
CE M3L K 43 6.47 13.50 14.74
NZ M3L K 43 7.73 14.34 14.70
C M3L K 43 1.95 14.50 12.31
O M3L K 43 1.28 13.90 13.15
CM1 M3L K 43 7.48 15.72 14.20
CM2 M3L K 43 8.77 13.70 13.86
CM3 M3L K 43 8.25 14.43 16.11
N GLN K 44 1.89 15.82 12.17
CA GLN K 44 1.05 16.65 13.03
C GLN K 44 -0.42 16.27 12.95
N GLN K 45 -0.98 16.30 11.74
CA GLN K 45 -2.40 16.02 11.61
C GLN K 45 -2.72 14.56 11.89
N LEU K 46 -1.82 13.64 11.54
CA LEU K 46 -2.05 12.24 11.85
C LEU K 46 -2.11 12.01 13.36
N PHE K 47 -1.17 12.61 14.10
CA PHE K 47 -1.21 12.47 15.55
C PHE K 47 -2.43 13.18 16.13
N SER K 48 -2.83 14.32 15.56
CA SER K 48 -3.99 15.02 16.09
C SER K 48 -5.28 14.28 15.81
N TYR K 49 -5.30 13.46 14.75
CA TYR K 49 -6.43 12.58 14.52
C TYR K 49 -6.42 11.39 15.46
N ALA K 50 -5.24 10.83 15.72
CA ALA K 50 -5.18 9.70 16.64
C ALA K 50 -5.49 10.12 18.07
N ILE K 51 -5.21 11.37 18.43
CA ILE K 51 -5.62 11.84 19.75
C ILE K 51 -7.13 11.77 19.89
N LEU K 52 -7.86 12.23 18.88
CA LEU K 52 -9.31 12.15 18.93
C LEU K 52 -9.78 10.70 18.92
N GLY K 53 -9.12 9.85 18.13
CA GLY K 53 -9.50 8.44 18.10
C GLY K 53 -9.31 7.76 19.44
N PHE K 54 -8.15 7.96 20.06
CA PHE K 54 -7.91 7.44 21.40
C PHE K 54 -8.88 8.02 22.40
N ALA K 55 -9.15 9.32 22.33
CA ALA K 55 -10.05 9.95 23.28
C ALA K 55 -11.44 9.34 23.20
N LEU K 56 -11.93 9.10 21.98
CA LEU K 56 -13.28 8.59 21.86
C LEU K 56 -13.36 7.08 22.04
N SER K 57 -12.25 6.35 21.89
CA SER K 57 -12.25 4.95 22.33
C SER K 57 -12.20 4.85 23.84
N GLU K 58 -11.40 5.71 24.48
CA GLU K 58 -11.20 5.64 25.91
C GLU K 58 -12.43 6.13 26.67
N ALA K 59 -12.94 7.31 26.32
CA ALA K 59 -14.07 7.88 27.04
C ALA K 59 -15.34 7.05 26.87
N MET K 60 -15.36 6.12 25.92
CA MET K 60 -16.53 5.29 25.73
C MET K 60 -16.31 3.85 26.21
N GLY K 61 -15.06 3.38 26.25
CA GLY K 61 -14.78 2.12 26.93
C GLY K 61 -14.59 2.25 28.42
N LEU K 62 -14.54 3.47 28.94
CA LEU K 62 -14.49 3.70 30.38
C LEU K 62 -15.86 3.79 31.03
N PHE K 63 -16.94 3.88 30.25
CA PHE K 63 -18.26 3.84 30.87
C PHE K 63 -18.52 2.50 31.53
N CYS K 64 -18.03 1.41 30.94
CA CYS K 64 -18.15 0.10 31.58
C CYS K 64 -17.43 0.07 32.92
N LEU K 65 -16.24 0.66 32.98
CA LEU K 65 -15.51 0.74 34.25
C LEU K 65 -16.26 1.60 35.26
N MET K 66 -16.82 2.72 34.79
CA MET K 66 -17.58 3.59 35.67
C MET K 66 -18.78 2.86 36.26
N VAL K 67 -19.52 2.11 35.43
CA VAL K 67 -20.70 1.42 35.95
C VAL K 67 -20.29 0.23 36.80
N ALA K 68 -19.09 -0.33 36.57
CA ALA K 68 -18.57 -1.33 37.50
C ALA K 68 -18.37 -0.74 38.88
N PHE K 69 -17.77 0.46 38.95
CA PHE K 69 -17.63 1.10 40.26
C PHE K 69 -18.98 1.52 40.82
N LEU K 70 -19.93 1.87 39.95
CA LEU K 70 -21.27 2.21 40.41
C LEU K 70 -21.93 1.01 41.08
N ILE K 71 -21.77 -0.18 40.50
CA ILE K 71 -22.28 -1.38 41.12
C ILE K 71 -21.55 -1.67 42.43
N LEU K 72 -20.22 -1.55 42.42
CA LEU K 72 -19.44 -1.96 43.58
C LEU K 72 -19.66 -1.06 44.78
N PHE K 73 -19.54 0.25 44.60
CA PHE K 73 -19.56 1.17 45.73
C PHE K 73 -20.99 1.53 46.16
N ALA K 74 -21.73 2.19 45.27
CA ALA K 74 -22.96 2.85 45.69
C ALA K 74 -24.18 2.34 44.94
N MET K 75 -24.22 1.05 44.62
CA MET K 75 -25.41 0.43 44.05
C MET K 75 -25.86 1.13 42.77
#